data_3RWH
#
_entry.id   3RWH
#
_cell.length_a   45.328
_cell.length_b   68.636
_cell.length_c   81.415
_cell.angle_alpha   83.97
_cell.angle_beta   88.86
_cell.angle_gamma   90.07
#
_symmetry.space_group_name_H-M   'P 1'
#
loop_
_entity.id
_entity.type
_entity.pdbx_description
1 polymer 'Major histocompatibility complex class I'
2 polymer Beta-2-microglobulin
3 polymer 'Pol MF8 peptide from Pol protein'
4 water water
#
loop_
_entity_poly.entity_id
_entity_poly.type
_entity_poly.pdbx_seq_one_letter_code
_entity_poly.pdbx_strand_id
1 'polypeptide(L)'
;GSHSMKYFYTSVSRPGRGEPRFISVGYVDDTQFVRFDSDAESPREEPRAPWVEQEGPEYWEEATRRAKEAAQTHRENLRT
ALRYYNQSEAGSHTIQKMYGCDLGPDGRLLRGYHQSAYDGKDYIALNGDLRSWTAADMAAQNTQRKWEGNRYAERFRAYL
EGECLEWLRRYLENGKETLQRADPPKTHVTHHPVSDHEATLRCWALGFYPAEITLTWQRDGEEQTQDTEFVETRPGGDGT
FQKWGAVVVPSGEEQRYTCHVQHEGLPEPLTLRWEP
;
A,D
2 'polypeptide(L)'
;IQRTPKIQVYSRHPPENGKPNFLNCYVSGFHPSDIEVDLLKNGEKMGKVEHSDLSFSKDWSFYLLYYTEFTPNEKDEYAC
RVNHVTLSGPRTVKWDRDM
;
B,E
3 'polypeptide(L)' MRHVLEPF C,F
#
# COMPACT_ATOMS: atom_id res chain seq x y z
N GLY A 1 1.43 -16.33 12.45
CA GLY A 1 1.51 -14.91 12.14
C GLY A 1 0.15 -14.24 12.19
N SER A 2 -0.64 -14.43 11.13
CA SER A 2 -1.99 -13.88 11.06
C SER A 2 -2.92 -14.82 10.33
N HIS A 3 -3.94 -15.30 11.01
CA HIS A 3 -4.89 -16.24 10.43
C HIS A 3 -6.33 -15.86 10.70
N SER A 4 -7.24 -16.42 9.91
CA SER A 4 -8.66 -16.07 9.99
C SER A 4 -9.55 -17.24 9.57
N MET A 5 -10.73 -17.31 10.16
CA MET A 5 -11.73 -18.30 9.75
C MET A 5 -13.07 -17.64 9.47
N LYS A 6 -13.60 -17.84 8.27
CA LYS A 6 -14.87 -17.24 7.91
C LYS A 6 -15.87 -18.26 7.39
N TYR A 7 -17.15 -17.93 7.51
CA TYR A 7 -18.23 -18.73 6.97
C TYR A 7 -19.18 -17.86 6.16
N PHE A 8 -19.51 -18.35 4.96
CA PHE A 8 -20.36 -17.63 4.02
C PHE A 8 -21.65 -18.41 3.75
N TYR A 9 -22.75 -17.68 3.65
CA TYR A 9 -24.07 -18.27 3.47
C TYR A 9 -24.86 -17.50 2.42
N THR A 10 -25.45 -18.24 1.48
CA THR A 10 -26.28 -17.64 0.45
C THR A 10 -27.58 -18.43 0.29
N SER A 11 -28.71 -17.74 0.48
CA SER A 11 -30.01 -18.38 0.33
C SER A 11 -30.87 -17.62 -0.68
N VAL A 12 -31.33 -18.32 -1.70
CA VAL A 12 -32.11 -17.70 -2.76
C VAL A 12 -33.48 -18.36 -2.91
N SER A 13 -34.53 -17.60 -2.62
CA SER A 13 -35.89 -18.09 -2.78
C SER A 13 -36.23 -18.25 -4.25
N ARG A 14 -36.96 -19.30 -4.58
CA ARG A 14 -37.34 -19.57 -5.96
C ARG A 14 -38.81 -19.96 -6.07
N PRO A 15 -39.69 -18.95 -6.18
CA PRO A 15 -41.14 -19.13 -6.24
C PRO A 15 -41.57 -20.13 -7.29
N GLY A 16 -42.40 -21.10 -6.89
CA GLY A 16 -42.93 -22.08 -7.81
C GLY A 16 -42.01 -23.26 -8.03
N ARG A 17 -40.84 -23.24 -7.41
CA ARG A 17 -39.87 -24.31 -7.56
C ARG A 17 -39.53 -25.00 -6.24
N GLY A 18 -40.20 -24.58 -5.17
CA GLY A 18 -40.03 -25.21 -3.88
C GLY A 18 -39.10 -24.46 -2.94
N GLU A 19 -38.39 -25.21 -2.09
CA GLU A 19 -37.51 -24.63 -1.08
C GLU A 19 -36.38 -23.81 -1.71
N PRO A 20 -35.93 -22.76 -1.01
CA PRO A 20 -34.85 -21.89 -1.48
C PRO A 20 -33.51 -22.61 -1.58
N ARG A 21 -32.67 -22.17 -2.52
CA ARG A 21 -31.34 -22.73 -2.69
C ARG A 21 -30.42 -22.21 -1.60
N PHE A 22 -29.82 -23.14 -0.86
CA PHE A 22 -28.93 -22.78 0.25
C PHE A 22 -27.51 -23.29 0.02
N ILE A 23 -26.58 -22.35 -0.13
CA ILE A 23 -25.17 -22.71 -0.33
C ILE A 23 -24.27 -22.00 0.67
N SER A 24 -23.53 -22.78 1.45
CA SER A 24 -22.63 -22.22 2.46
C SER A 24 -21.22 -22.77 2.31
N VAL A 25 -20.23 -21.93 2.54
CA VAL A 25 -18.83 -22.34 2.42
C VAL A 25 -18.00 -21.92 3.63
N GLY A 26 -16.98 -22.70 3.93
CA GLY A 26 -16.09 -22.43 5.05
C GLY A 26 -14.66 -22.17 4.60
N TYR A 27 -14.09 -21.08 5.08
CA TYR A 27 -12.74 -20.67 4.69
C TYR A 27 -11.79 -20.53 5.87
N VAL A 28 -10.60 -21.09 5.71
CA VAL A 28 -9.48 -20.79 6.58
C VAL A 28 -8.52 -19.91 5.78
N ASP A 29 -8.47 -18.62 6.12
CA ASP A 29 -7.74 -17.65 5.32
C ASP A 29 -8.31 -17.60 3.91
N ASP A 30 -7.52 -18.02 2.94
CA ASP A 30 -7.96 -18.04 1.54
C ASP A 30 -8.16 -19.47 1.05
N THR A 31 -8.29 -20.41 1.98
CA THR A 31 -8.44 -21.82 1.63
C THR A 31 -9.77 -22.40 2.11
N GLN A 32 -10.65 -22.68 1.16
CA GLN A 32 -11.93 -23.34 1.47
C GLN A 32 -11.66 -24.74 2.00
N PHE A 33 -12.51 -25.22 2.90
CA PHE A 33 -12.29 -26.54 3.50
C PHE A 33 -13.58 -27.34 3.71
N VAL A 34 -14.72 -26.67 3.67
CA VAL A 34 -16.01 -27.35 3.82
C VAL A 34 -17.04 -26.87 2.81
N ARG A 35 -18.16 -27.59 2.73
CA ARG A 35 -19.20 -27.30 1.75
C ARG A 35 -20.55 -27.85 2.17
N PHE A 36 -21.61 -27.09 1.91
CA PHE A 36 -22.96 -27.56 2.11
C PHE A 36 -23.90 -27.00 1.05
N ASP A 37 -24.48 -27.89 0.25
CA ASP A 37 -25.40 -27.48 -0.80
C ASP A 37 -26.75 -28.16 -0.61
N SER A 38 -27.79 -27.36 -0.40
CA SER A 38 -29.13 -27.88 -0.18
C SER A 38 -29.60 -28.72 -1.36
N ASP A 39 -29.11 -28.39 -2.54
CA ASP A 39 -29.50 -29.11 -3.76
C ASP A 39 -28.53 -30.22 -4.12
N ALA A 40 -27.71 -30.62 -3.15
CA ALA A 40 -26.87 -31.80 -3.31
C ALA A 40 -27.76 -33.03 -3.19
N GLU A 41 -27.36 -34.13 -3.83
CA GLU A 41 -28.17 -35.34 -3.81
C GLU A 41 -28.33 -35.89 -2.39
N SER A 42 -27.43 -35.48 -1.50
CA SER A 42 -27.51 -35.86 -0.09
C SER A 42 -26.87 -34.79 0.78
N PRO A 43 -27.58 -33.66 0.95
CA PRO A 43 -27.09 -32.47 1.67
C PRO A 43 -26.35 -32.82 2.95
N ARG A 44 -25.11 -32.36 3.05
CA ARG A 44 -24.27 -32.63 4.23
C ARG A 44 -22.97 -31.84 4.13
N GLU A 45 -22.34 -31.60 5.28
CA GLU A 45 -21.06 -30.91 5.31
C GLU A 45 -19.99 -31.77 4.64
N GLU A 46 -19.46 -31.28 3.52
CA GLU A 46 -18.47 -32.03 2.76
C GLU A 46 -17.08 -31.42 2.89
N PRO A 47 -16.05 -32.28 2.94
CA PRO A 47 -14.65 -31.83 3.00
C PRO A 47 -14.17 -31.33 1.64
N ARG A 48 -13.64 -30.11 1.61
CA ARG A 48 -13.09 -29.55 0.38
C ARG A 48 -11.59 -29.31 0.52
N ALA A 49 -11.04 -29.71 1.66
CA ALA A 49 -9.60 -29.63 1.90
C ALA A 49 -9.09 -30.95 2.45
N PRO A 50 -7.91 -31.39 1.98
CA PRO A 50 -7.33 -32.68 2.39
C PRO A 50 -7.09 -32.77 3.90
N TRP A 51 -6.84 -31.65 4.56
CA TRP A 51 -6.47 -31.66 5.97
C TRP A 51 -7.63 -31.77 6.96
N VAL A 52 -8.84 -31.43 6.53
CA VAL A 52 -10.01 -31.62 7.39
C VAL A 52 -10.64 -32.97 7.20
N GLU A 53 -10.10 -33.76 6.28
CA GLU A 53 -10.72 -35.03 5.94
C GLU A 53 -10.45 -36.08 7.00
N GLN A 54 -9.70 -35.68 8.02
CA GLN A 54 -9.31 -36.57 9.09
C GLN A 54 -10.25 -36.43 10.29
N GLU A 55 -11.21 -35.51 10.19
CA GLU A 55 -12.19 -35.32 11.26
C GLU A 55 -13.14 -36.51 11.36
N GLY A 56 -13.41 -36.95 12.59
CA GLY A 56 -14.27 -38.10 12.81
C GLY A 56 -15.72 -37.83 12.48
N PRO A 57 -16.55 -38.89 12.51
CA PRO A 57 -17.98 -38.81 12.20
C PRO A 57 -18.70 -37.73 12.99
N GLU A 58 -18.29 -37.54 14.25
CA GLU A 58 -18.92 -36.54 15.11
C GLU A 58 -18.90 -35.16 14.45
N TYR A 59 -17.71 -34.75 14.02
CA TYR A 59 -17.52 -33.46 13.39
C TYR A 59 -18.49 -33.23 12.23
N TRP A 60 -18.68 -34.27 11.43
CA TRP A 60 -19.52 -34.17 10.24
C TRP A 60 -21.01 -34.19 10.58
N GLU A 61 -21.37 -34.96 11.60
CA GLU A 61 -22.75 -35.01 12.06
C GLU A 61 -23.16 -33.65 12.63
N GLU A 62 -22.33 -33.12 13.51
CA GLU A 62 -22.59 -31.82 14.13
C GLU A 62 -22.57 -30.71 13.10
N ALA A 63 -21.56 -30.72 12.24
CA ALA A 63 -21.41 -29.71 11.20
C ALA A 63 -22.64 -29.71 10.28
N THR A 64 -23.05 -30.90 9.86
CA THR A 64 -24.23 -31.06 9.01
C THR A 64 -25.47 -30.53 9.72
N ARG A 65 -25.62 -30.90 10.99
CA ARG A 65 -26.74 -30.44 11.79
C ARG A 65 -26.82 -28.92 11.81
N ARG A 66 -25.71 -28.28 12.17
CA ARG A 66 -25.66 -26.83 12.25
C ARG A 66 -25.92 -26.19 10.88
N ALA A 67 -25.47 -26.86 9.82
CA ALA A 67 -25.67 -26.38 8.46
C ALA A 67 -27.15 -26.35 8.11
N LYS A 68 -27.82 -27.47 8.33
CA LYS A 68 -29.25 -27.58 8.05
C LYS A 68 -30.03 -26.58 8.90
N GLU A 69 -29.66 -26.46 10.17
CA GLU A 69 -30.29 -25.51 11.06
C GLU A 69 -30.13 -24.10 10.50
N ALA A 70 -28.97 -23.82 9.95
CA ALA A 70 -28.70 -22.53 9.33
C ALA A 70 -29.60 -22.32 8.11
N ALA A 71 -29.81 -23.39 7.35
CA ALA A 71 -30.68 -23.33 6.19
C ALA A 71 -32.11 -22.96 6.60
N GLN A 72 -32.63 -23.68 7.59
CA GLN A 72 -33.94 -23.37 8.15
C GLN A 72 -34.01 -21.91 8.58
N THR A 73 -33.00 -21.48 9.32
CA THR A 73 -32.92 -20.10 9.79
C THR A 73 -32.98 -19.12 8.63
N HIS A 74 -32.42 -19.53 7.49
CA HIS A 74 -32.38 -18.68 6.30
C HIS A 74 -33.71 -18.60 5.57
N ARG A 75 -34.41 -19.72 5.45
CA ARG A 75 -35.74 -19.71 4.87
C ARG A 75 -36.62 -18.79 5.71
N GLU A 76 -36.52 -19.00 7.02
CA GLU A 76 -37.23 -18.21 8.01
C GLU A 76 -36.95 -16.73 7.82
N ASN A 77 -35.67 -16.39 7.65
CA ASN A 77 -35.25 -15.01 7.42
C ASN A 77 -35.82 -14.47 6.10
N LEU A 78 -35.98 -15.36 5.12
CA LEU A 78 -36.57 -14.99 3.84
C LEU A 78 -38.04 -14.56 4.02
N ARG A 79 -38.82 -15.39 4.71
CA ARG A 79 -40.22 -15.05 4.95
C ARG A 79 -40.36 -13.75 5.74
N THR A 80 -39.67 -13.70 6.87
CA THR A 80 -39.65 -12.53 7.74
C THR A 80 -39.26 -11.27 6.97
N ALA A 81 -38.32 -11.44 6.03
CA ALA A 81 -37.88 -10.33 5.19
C ALA A 81 -39.00 -9.90 4.27
N LEU A 82 -39.67 -10.88 3.66
CA LEU A 82 -40.84 -10.60 2.84
C LEU A 82 -41.82 -9.74 3.60
N ARG A 83 -41.90 -9.99 4.91
CA ARG A 83 -42.85 -9.29 5.76
C ARG A 83 -42.38 -7.89 6.14
N TYR A 84 -41.08 -7.74 6.38
CA TYR A 84 -40.50 -6.44 6.72
C TYR A 84 -40.64 -5.43 5.58
N TYR A 85 -40.21 -5.84 4.39
CA TYR A 85 -40.24 -4.95 3.23
C TYR A 85 -41.59 -5.01 2.51
N ASN A 86 -42.53 -5.75 3.06
CA ASN A 86 -43.85 -5.91 2.44
C ASN A 86 -43.72 -6.38 0.99
N GLN A 87 -43.10 -7.54 0.81
CA GLN A 87 -42.82 -8.05 -0.52
C GLN A 87 -43.63 -9.31 -0.85
N SER A 88 -43.84 -9.53 -2.14
CA SER A 88 -44.65 -10.65 -2.60
C SER A 88 -43.88 -11.96 -2.53
N GLU A 89 -44.63 -13.07 -2.46
CA GLU A 89 -44.02 -14.39 -2.37
C GLU A 89 -43.76 -14.96 -3.76
N ALA A 90 -44.09 -14.18 -4.78
CA ALA A 90 -43.89 -14.60 -6.16
C ALA A 90 -42.55 -14.11 -6.72
N GLY A 91 -41.87 -13.28 -5.93
CA GLY A 91 -40.58 -12.74 -6.35
C GLY A 91 -39.42 -13.42 -5.65
N SER A 92 -38.27 -13.43 -6.32
CA SER A 92 -37.07 -14.06 -5.77
C SER A 92 -36.28 -13.07 -4.91
N HIS A 93 -35.69 -13.57 -3.83
CA HIS A 93 -34.88 -12.75 -2.94
C HIS A 93 -33.66 -13.50 -2.43
N THR A 94 -32.60 -12.76 -2.14
CA THR A 94 -31.34 -13.35 -1.72
C THR A 94 -30.91 -12.86 -0.34
N ILE A 95 -30.51 -13.79 0.52
CA ILE A 95 -29.95 -13.45 1.82
C ILE A 95 -28.51 -13.96 1.92
N GLN A 96 -27.60 -13.05 2.22
CA GLN A 96 -26.19 -13.39 2.34
C GLN A 96 -25.70 -13.15 3.76
N LYS A 97 -24.74 -13.95 4.21
CA LYS A 97 -24.30 -13.89 5.61
C LYS A 97 -22.85 -14.35 5.77
N MET A 98 -22.00 -13.45 6.24
CA MET A 98 -20.59 -13.80 6.47
C MET A 98 -20.21 -13.55 7.92
N TYR A 99 -19.59 -14.54 8.56
CA TYR A 99 -19.12 -14.36 9.94
C TYR A 99 -17.85 -15.15 10.22
N GLY A 100 -16.92 -14.55 10.95
CA GLY A 100 -15.68 -15.23 11.27
C GLY A 100 -14.88 -14.60 12.39
N CYS A 101 -13.67 -15.11 12.59
CA CYS A 101 -12.79 -14.59 13.63
C CYS A 101 -11.33 -14.57 13.17
N ASP A 102 -10.56 -13.64 13.71
CA ASP A 102 -9.14 -13.53 13.39
C ASP A 102 -8.28 -13.90 14.59
N LEU A 103 -7.39 -14.86 14.40
CA LEU A 103 -6.49 -15.30 15.47
C LEU A 103 -5.24 -14.44 15.50
N GLY A 104 -5.01 -13.76 16.62
CA GLY A 104 -3.83 -12.94 16.79
C GLY A 104 -2.57 -13.76 16.92
N PRO A 105 -1.40 -13.11 16.85
CA PRO A 105 -0.11 -13.79 16.96
C PRO A 105 0.17 -14.28 18.37
N ASP A 106 -0.68 -13.89 19.31
CA ASP A 106 -0.52 -14.28 20.71
C ASP A 106 -1.59 -15.28 21.14
N GLY A 107 -2.34 -15.80 20.17
CA GLY A 107 -3.38 -16.78 20.44
C GLY A 107 -4.65 -16.18 20.99
N ARG A 108 -4.83 -14.88 20.81
CA ARG A 108 -6.01 -14.18 21.29
C ARG A 108 -6.95 -13.82 20.15
N LEU A 109 -8.13 -13.35 20.49
CA LEU A 109 -9.09 -12.89 19.48
C LEU A 109 -8.72 -11.49 19.01
N LEU A 110 -8.29 -11.39 17.75
CA LEU A 110 -7.86 -10.12 17.19
C LEU A 110 -9.05 -9.27 16.77
N ARG A 111 -9.94 -9.85 15.97
CA ARG A 111 -11.10 -9.13 15.46
C ARG A 111 -12.18 -10.11 15.02
N GLY A 112 -13.43 -9.67 15.06
CA GLY A 112 -14.55 -10.52 14.70
C GLY A 112 -15.39 -9.98 13.56
N TYR A 113 -16.05 -10.88 12.84
CA TYR A 113 -16.90 -10.50 11.73
C TYR A 113 -18.28 -11.14 11.82
N HIS A 114 -19.32 -10.35 11.56
CA HIS A 114 -20.68 -10.85 11.55
C HIS A 114 -21.58 -9.87 10.81
N GLN A 115 -21.72 -10.05 9.51
CA GLN A 115 -22.50 -9.15 8.69
C GLN A 115 -23.42 -9.89 7.73
N SER A 116 -24.63 -9.37 7.55
CA SER A 116 -25.63 -10.00 6.69
C SER A 116 -26.29 -8.98 5.78
N ALA A 117 -26.50 -9.37 4.52
CA ALA A 117 -27.09 -8.49 3.52
C ALA A 117 -28.32 -9.11 2.88
N TYR A 118 -29.21 -8.25 2.39
CA TYR A 118 -30.45 -8.70 1.75
C TYR A 118 -30.59 -8.10 0.36
N ASP A 119 -30.63 -8.96 -0.65
CA ASP A 119 -30.74 -8.54 -2.04
C ASP A 119 -29.55 -7.70 -2.51
N GLY A 120 -28.35 -8.09 -2.07
CA GLY A 120 -27.13 -7.45 -2.52
C GLY A 120 -26.78 -6.18 -1.77
N LYS A 121 -27.64 -5.75 -0.86
CA LYS A 121 -27.41 -4.54 -0.09
C LYS A 121 -27.29 -4.85 1.40
N ASP A 122 -26.45 -4.09 2.09
CA ASP A 122 -26.26 -4.26 3.53
C ASP A 122 -27.59 -4.35 4.26
N TYR A 123 -27.68 -5.30 5.18
CA TYR A 123 -28.87 -5.43 6.02
C TYR A 123 -28.53 -5.07 7.46
N ILE A 124 -27.67 -5.86 8.08
CA ILE A 124 -27.25 -5.58 9.45
C ILE A 124 -25.85 -6.12 9.72
N ALA A 125 -25.04 -5.38 10.46
CA ALA A 125 -23.67 -5.78 10.73
C ALA A 125 -23.22 -5.50 12.16
N LEU A 126 -22.51 -6.45 12.75
CA LEU A 126 -21.96 -6.29 14.08
C LEU A 126 -20.77 -5.34 14.06
N ASN A 127 -20.80 -4.33 14.91
CA ASN A 127 -19.72 -3.36 14.97
C ASN A 127 -18.42 -3.92 15.54
N GLY A 128 -17.33 -3.19 15.34
CA GLY A 128 -16.03 -3.64 15.80
C GLY A 128 -15.95 -3.84 17.30
N ASP A 129 -16.84 -3.20 18.04
CA ASP A 129 -16.89 -3.34 19.48
C ASP A 129 -17.46 -4.69 19.89
N LEU A 130 -18.00 -5.42 18.90
CA LEU A 130 -18.54 -6.76 19.13
C LEU A 130 -19.65 -6.76 20.18
N ARG A 131 -20.33 -5.63 20.33
CA ARG A 131 -21.39 -5.50 21.33
C ARG A 131 -22.67 -4.88 20.77
N SER A 132 -22.52 -3.99 19.80
CA SER A 132 -23.67 -3.32 19.21
C SER A 132 -23.90 -3.72 17.76
N TRP A 133 -25.11 -3.48 17.27
CA TRP A 133 -25.47 -3.81 15.90
C TRP A 133 -25.79 -2.55 15.10
N THR A 134 -25.43 -2.56 13.82
CA THR A 134 -25.74 -1.45 12.93
C THR A 134 -26.61 -1.90 11.77
N ALA A 135 -27.81 -1.33 11.70
CA ALA A 135 -28.74 -1.65 10.62
C ALA A 135 -28.58 -0.67 9.47
N ALA A 136 -28.73 -1.17 8.25
CA ALA A 136 -28.52 -0.34 7.05
C ALA A 136 -29.77 0.44 6.66
N ASP A 137 -30.93 -0.01 7.12
CA ASP A 137 -32.18 0.66 6.78
C ASP A 137 -33.27 0.48 7.84
N MET A 138 -34.48 0.86 7.49
CA MET A 138 -35.62 0.84 8.41
C MET A 138 -35.96 -0.58 8.85
N ALA A 139 -36.16 -1.46 7.89
CA ALA A 139 -36.59 -2.83 8.16
C ALA A 139 -35.60 -3.61 9.01
N ALA A 140 -34.31 -3.34 8.82
CA ALA A 140 -33.27 -4.06 9.54
C ALA A 140 -33.24 -3.68 11.01
N GLN A 141 -33.75 -2.50 11.34
CA GLN A 141 -33.78 -2.04 12.72
C GLN A 141 -34.64 -2.94 13.59
N ASN A 142 -35.60 -3.62 12.97
CA ASN A 142 -36.38 -4.63 13.67
C ASN A 142 -35.48 -5.74 14.16
N THR A 143 -34.61 -6.21 13.27
CA THR A 143 -33.63 -7.25 13.60
C THR A 143 -32.67 -6.74 14.65
N GLN A 144 -32.24 -5.48 14.53
CA GLN A 144 -31.34 -4.87 15.50
C GLN A 144 -31.95 -4.91 16.90
N ARG A 145 -33.20 -4.46 17.00
CA ARG A 145 -33.91 -4.45 18.28
C ARG A 145 -34.10 -5.86 18.82
N LYS A 146 -34.50 -6.78 17.96
CA LYS A 146 -34.74 -8.17 18.37
C LYS A 146 -33.46 -8.81 18.89
N TRP A 147 -32.34 -8.45 18.30
CA TRP A 147 -31.05 -9.00 18.70
C TRP A 147 -30.48 -8.31 19.95
N GLU A 148 -30.88 -7.06 20.16
CA GLU A 148 -30.50 -6.34 21.37
C GLU A 148 -31.31 -6.85 22.56
N GLY A 149 -32.52 -7.30 22.29
CA GLY A 149 -33.41 -7.77 23.34
C GLY A 149 -33.09 -9.17 23.83
N ASN A 150 -32.45 -9.97 22.99
CA ASN A 150 -32.13 -11.35 23.34
C ASN A 150 -30.64 -11.59 23.59
N ARG A 151 -29.85 -10.52 23.53
CA ARG A 151 -28.41 -10.60 23.75
C ARG A 151 -27.74 -11.57 22.80
N TYR A 152 -27.94 -11.36 21.49
CA TYR A 152 -27.35 -12.22 20.47
C TYR A 152 -25.84 -12.03 20.41
N ALA A 153 -25.42 -10.77 20.38
CA ALA A 153 -24.01 -10.43 20.32
C ALA A 153 -23.22 -11.13 21.41
N GLU A 154 -23.87 -11.36 22.55
CA GLU A 154 -23.22 -12.02 23.67
C GLU A 154 -22.90 -13.48 23.36
N ARG A 155 -23.88 -14.19 22.78
CA ARG A 155 -23.70 -15.59 22.41
C ARG A 155 -22.73 -15.74 21.25
N PHE A 156 -22.94 -14.98 20.18
CA PHE A 156 -22.05 -15.04 19.02
C PHE A 156 -20.61 -14.77 19.44
N ARG A 157 -20.47 -13.95 20.48
CA ARG A 157 -19.17 -13.58 20.99
C ARG A 157 -18.57 -14.72 21.81
N ALA A 158 -19.43 -15.35 22.60
CA ALA A 158 -19.04 -16.57 23.29
C ALA A 158 -18.53 -17.60 22.28
N TYR A 159 -19.10 -17.56 21.08
CA TYR A 159 -18.63 -18.41 19.99
C TYR A 159 -17.27 -17.95 19.49
N LEU A 160 -17.13 -16.64 19.27
CA LEU A 160 -15.86 -16.07 18.81
C LEU A 160 -14.70 -16.46 19.71
N GLU A 161 -14.88 -16.31 21.02
CA GLU A 161 -13.83 -16.57 22.00
C GLU A 161 -13.67 -18.06 22.28
N GLY A 162 -14.62 -18.86 21.80
CA GLY A 162 -14.62 -20.29 22.07
C GLY A 162 -14.31 -21.16 20.86
N GLU A 163 -15.34 -21.83 20.36
CA GLU A 163 -15.19 -22.80 19.28
C GLU A 163 -14.45 -22.24 18.06
N CYS A 164 -14.61 -20.95 17.81
CA CYS A 164 -14.01 -20.31 16.64
C CYS A 164 -12.49 -20.39 16.68
N LEU A 165 -11.89 -19.82 17.73
CA LEU A 165 -10.44 -19.83 17.89
C LEU A 165 -9.90 -21.24 18.08
N GLU A 166 -10.64 -22.06 18.83
CA GLU A 166 -10.23 -23.42 19.10
CA GLU A 166 -10.26 -23.43 19.10
C GLU A 166 -10.11 -24.23 17.80
N TRP A 167 -11.21 -24.34 17.07
CA TRP A 167 -11.22 -25.07 15.81
C TRP A 167 -10.34 -24.42 14.75
N LEU A 168 -10.15 -23.11 14.86
CA LEU A 168 -9.24 -22.41 13.94
C LEU A 168 -7.81 -22.88 14.16
N ARG A 169 -7.36 -22.80 15.41
CA ARG A 169 -6.03 -23.28 15.78
C ARG A 169 -5.86 -24.74 15.39
N ARG A 170 -6.89 -25.54 15.64
CA ARG A 170 -6.85 -26.96 15.29
C ARG A 170 -6.63 -27.14 13.79
N TYR A 171 -7.44 -26.47 12.98
CA TYR A 171 -7.32 -26.53 11.53
C TYR A 171 -5.91 -26.14 11.10
N LEU A 172 -5.42 -25.03 11.64
CA LEU A 172 -4.08 -24.56 11.31
C LEU A 172 -3.02 -25.59 11.65
N GLU A 173 -3.25 -26.34 12.73
CA GLU A 173 -2.29 -27.35 13.17
C GLU A 173 -2.33 -28.59 12.28
N ASN A 174 -3.53 -28.96 11.82
CA ASN A 174 -3.69 -30.12 10.96
C ASN A 174 -3.19 -29.89 9.53
N GLY A 175 -3.30 -28.64 9.07
CA GLY A 175 -2.87 -28.31 7.73
C GLY A 175 -1.76 -27.27 7.72
N LYS A 176 -0.71 -27.52 8.50
CA LYS A 176 0.40 -26.59 8.61
C LYS A 176 1.13 -26.41 7.28
N GLU A 177 1.22 -27.49 6.51
CA GLU A 177 1.93 -27.48 5.24
C GLU A 177 1.30 -26.54 4.22
N THR A 178 -0.03 -26.44 4.24
CA THR A 178 -0.74 -25.67 3.22
C THR A 178 -1.40 -24.40 3.76
N LEU A 179 -1.56 -24.30 5.07
CA LEU A 179 -2.19 -23.15 5.68
C LEU A 179 -1.17 -22.14 6.21
N GLN A 180 -0.08 -22.65 6.78
CA GLN A 180 0.96 -21.79 7.32
C GLN A 180 2.10 -21.59 6.33
N ARG A 181 1.76 -21.59 5.05
CA ARG A 181 2.75 -21.38 3.99
C ARG A 181 2.71 -19.96 3.46
N ALA A 182 3.77 -19.57 2.76
CA ALA A 182 3.85 -18.25 2.15
C ALA A 182 4.50 -18.34 0.77
N ASP A 183 3.87 -19.11 -0.11
CA ASP A 183 4.39 -19.34 -1.45
C ASP A 183 4.49 -18.04 -2.24
N PRO A 184 5.74 -17.65 -2.58
CA PRO A 184 6.00 -16.44 -3.38
C PRO A 184 5.57 -16.63 -4.82
N PRO A 185 5.13 -15.56 -5.49
CA PRO A 185 4.62 -15.63 -6.87
C PRO A 185 5.73 -15.77 -7.90
N LYS A 186 5.56 -16.72 -8.82
CA LYS A 186 6.45 -16.84 -9.96
C LYS A 186 6.12 -15.72 -10.94
N THR A 187 7.02 -14.76 -11.07
CA THR A 187 6.75 -13.55 -11.85
C THR A 187 7.55 -13.52 -13.15
N HIS A 188 7.03 -12.78 -14.13
CA HIS A 188 7.74 -12.59 -15.40
C HIS A 188 7.05 -11.52 -16.24
N VAL A 189 7.83 -10.83 -17.07
CA VAL A 189 7.31 -9.75 -17.90
C VAL A 189 7.22 -10.14 -19.37
N THR A 190 6.05 -9.93 -19.96
CA THR A 190 5.82 -10.25 -21.37
C THR A 190 5.54 -9.00 -22.19
N HIS A 191 5.82 -9.09 -23.48
CA HIS A 191 5.69 -7.97 -24.41
C HIS A 191 4.68 -8.30 -25.50
N HIS A 192 3.76 -7.39 -25.77
CA HIS A 192 2.71 -7.63 -26.75
C HIS A 192 2.38 -6.37 -27.56
N PRO A 193 3.03 -6.22 -28.73
CA PRO A 193 2.85 -5.07 -29.61
C PRO A 193 1.39 -4.81 -29.94
N VAL A 194 0.92 -3.59 -29.67
CA VAL A 194 -0.44 -3.20 -30.02
C VAL A 194 -0.49 -2.81 -31.49
N SER A 195 0.52 -2.08 -31.94
CA SER A 195 0.65 -1.70 -33.33
C SER A 195 2.13 -1.56 -33.69
N ASP A 196 2.46 -0.54 -34.47
CA ASP A 196 3.83 -0.27 -34.85
C ASP A 196 4.50 0.78 -33.97
N HIS A 197 3.69 1.56 -33.25
CA HIS A 197 4.22 2.60 -32.38
C HIS A 197 3.97 2.33 -30.91
N GLU A 198 3.15 1.32 -30.62
CA GLU A 198 2.82 1.00 -29.24
C GLU A 198 2.99 -0.48 -28.91
N ALA A 199 3.16 -0.78 -27.63
CA ALA A 199 3.34 -2.16 -27.19
C ALA A 199 2.98 -2.31 -25.71
N THR A 200 2.20 -3.35 -25.41
CA THR A 200 1.73 -3.57 -24.05
C THR A 200 2.71 -4.43 -23.24
N LEU A 201 3.13 -3.89 -22.09
CA LEU A 201 3.97 -4.64 -21.16
C LEU A 201 3.11 -5.26 -20.09
N ARG A 202 3.14 -6.59 -19.99
CA ARG A 202 2.32 -7.30 -19.03
C ARG A 202 3.15 -7.98 -17.94
N CYS A 203 2.86 -7.63 -16.69
CA CYS A 203 3.56 -8.20 -15.55
C CYS A 203 2.77 -9.35 -14.94
N TRP A 204 3.40 -10.51 -14.85
CA TRP A 204 2.76 -11.74 -14.40
C TRP A 204 3.27 -12.19 -13.03
N ALA A 205 2.32 -12.51 -12.14
CA ALA A 205 2.63 -13.13 -10.87
C ALA A 205 1.72 -14.34 -10.69
N LEU A 206 2.31 -15.53 -10.64
CA LEU A 206 1.53 -16.76 -10.67
C LEU A 206 1.77 -17.67 -9.47
N GLY A 207 0.79 -18.53 -9.18
CA GLY A 207 0.91 -19.54 -8.15
C GLY A 207 1.39 -19.02 -6.80
N PHE A 208 0.76 -17.95 -6.32
CA PHE A 208 1.12 -17.38 -5.02
C PHE A 208 0.00 -17.54 -4.00
N TYR A 209 0.38 -17.56 -2.73
CA TYR A 209 -0.58 -17.69 -1.64
C TYR A 209 -0.01 -17.03 -0.38
N PRO A 210 -0.85 -16.29 0.36
CA PRO A 210 -2.28 -16.07 0.09
C PRO A 210 -2.53 -15.15 -1.10
N ALA A 211 -3.79 -14.78 -1.30
CA ALA A 211 -4.19 -14.00 -2.46
C ALA A 211 -3.70 -12.55 -2.39
N GLU A 212 -3.52 -12.04 -1.18
CA GLU A 212 -3.08 -10.67 -0.98
C GLU A 212 -1.79 -10.39 -1.75
N ILE A 213 -1.81 -9.33 -2.56
CA ILE A 213 -0.66 -8.97 -3.38
C ILE A 213 -0.89 -7.62 -4.04
N THR A 214 0.18 -6.91 -4.37
CA THR A 214 0.05 -5.62 -5.04
C THR A 214 1.01 -5.47 -6.23
N LEU A 215 0.45 -5.18 -7.40
CA LEU A 215 1.25 -4.96 -8.60
C LEU A 215 1.14 -3.53 -9.08
N THR A 216 2.28 -2.88 -9.29
CA THR A 216 2.29 -1.50 -9.76
C THR A 216 3.34 -1.28 -10.85
N TRP A 217 3.04 -0.40 -11.79
CA TRP A 217 4.00 -0.06 -12.85
C TRP A 217 4.64 1.30 -12.60
N GLN A 218 5.93 1.39 -12.92
CA GLN A 218 6.65 2.64 -12.74
C GLN A 218 7.41 3.06 -14.00
N ARG A 219 7.32 4.34 -14.35
CA ARG A 219 8.05 4.88 -15.47
C ARG A 219 9.14 5.82 -14.95
N ASP A 220 10.39 5.50 -15.24
CA ASP A 220 11.52 6.30 -14.78
C ASP A 220 11.54 6.45 -13.27
N GLY A 221 10.91 5.50 -12.58
CA GLY A 221 10.89 5.49 -11.12
C GLY A 221 9.67 6.16 -10.52
N GLU A 222 8.81 6.71 -11.39
CA GLU A 222 7.60 7.38 -10.91
C GLU A 222 6.35 6.58 -11.24
N GLU A 223 5.47 6.44 -10.26
CA GLU A 223 4.26 5.62 -10.40
C GLU A 223 3.50 5.93 -11.70
N GLN A 224 2.90 4.90 -12.27
CA GLN A 224 2.15 5.04 -13.52
C GLN A 224 0.73 4.51 -13.39
N THR A 225 -0.25 5.36 -13.66
CA THR A 225 -1.65 4.98 -13.62
C THR A 225 -2.28 5.11 -15.00
N GLN A 226 -1.74 6.03 -15.80
CA GLN A 226 -2.25 6.27 -17.14
C GLN A 226 -1.95 5.08 -18.05
N ASP A 227 -2.90 4.75 -18.91
CA ASP A 227 -2.76 3.63 -19.84
C ASP A 227 -2.36 2.35 -19.09
N THR A 228 -3.13 2.01 -18.07
CA THR A 228 -2.81 0.85 -17.24
C THR A 228 -4.04 -0.01 -17.00
N GLU A 229 -3.82 -1.32 -16.82
CA GLU A 229 -4.91 -2.25 -16.57
C GLU A 229 -4.50 -3.34 -15.57
N PHE A 230 -5.14 -3.34 -14.41
CA PHE A 230 -4.93 -4.37 -13.40
C PHE A 230 -6.18 -5.22 -13.25
N VAL A 231 -6.05 -6.52 -13.52
CA VAL A 231 -7.19 -7.43 -13.39
C VAL A 231 -7.31 -7.96 -11.97
N GLU A 232 -8.54 -8.33 -11.60
CA GLU A 232 -8.82 -8.87 -10.28
C GLU A 232 -8.04 -10.16 -10.03
N THR A 233 -7.52 -10.31 -8.83
CA THR A 233 -6.81 -11.53 -8.45
C THR A 233 -7.71 -12.73 -8.71
N ARG A 234 -7.13 -13.78 -9.30
CA ARG A 234 -7.91 -14.94 -9.71
C ARG A 234 -7.29 -16.25 -9.25
N PRO A 235 -8.12 -17.26 -8.96
CA PRO A 235 -7.65 -18.58 -8.54
C PRO A 235 -7.10 -19.38 -9.71
N GLY A 236 -6.09 -20.21 -9.45
CA GLY A 236 -5.50 -21.04 -10.47
C GLY A 236 -6.23 -22.37 -10.62
N GLY A 237 -7.06 -22.68 -9.63
CA GLY A 237 -7.84 -23.91 -9.64
C GLY A 237 -7.20 -25.01 -8.81
N ASP A 238 -5.97 -24.78 -8.37
CA ASP A 238 -5.24 -25.76 -7.58
C ASP A 238 -4.94 -25.27 -6.16
N GLY A 239 -5.56 -24.15 -5.79
CA GLY A 239 -5.39 -23.61 -4.45
C GLY A 239 -4.54 -22.35 -4.41
N THR A 240 -3.94 -21.99 -5.54
CA THR A 240 -3.11 -20.80 -5.61
C THR A 240 -3.86 -19.65 -6.29
N PHE A 241 -3.20 -18.50 -6.40
CA PHE A 241 -3.81 -17.33 -7.00
C PHE A 241 -2.93 -16.71 -8.09
N GLN A 242 -3.56 -15.94 -8.97
CA GLN A 242 -2.87 -15.30 -10.08
C GLN A 242 -3.26 -13.82 -10.17
N LYS A 243 -2.47 -13.06 -10.92
CA LYS A 243 -2.73 -11.64 -11.13
C LYS A 243 -1.70 -11.06 -12.09
N TRP A 244 -2.14 -10.20 -12.99
CA TRP A 244 -1.23 -9.54 -13.93
C TRP A 244 -1.61 -8.08 -14.14
N GLY A 245 -0.61 -7.25 -14.37
CA GLY A 245 -0.83 -5.83 -14.59
C GLY A 245 -0.15 -5.34 -15.85
N ALA A 246 -0.91 -4.73 -16.76
CA ALA A 246 -0.37 -4.32 -18.04
C ALA A 246 -0.35 -2.80 -18.22
N VAL A 247 0.58 -2.33 -19.05
CA VAL A 247 0.67 -0.91 -19.37
C VAL A 247 1.04 -0.70 -20.84
N VAL A 248 0.32 0.20 -21.50
CA VAL A 248 0.62 0.54 -22.89
C VAL A 248 1.82 1.49 -22.96
N VAL A 249 2.82 1.10 -23.72
CA VAL A 249 4.08 1.84 -23.77
C VAL A 249 4.52 2.15 -25.19
N PRO A 250 4.97 3.41 -25.41
CA PRO A 250 5.52 3.81 -26.71
C PRO A 250 6.71 2.93 -27.09
N SER A 251 6.75 2.49 -28.35
CA SER A 251 7.83 1.64 -28.82
C SER A 251 9.19 2.32 -28.68
N GLY A 252 10.11 1.65 -27.97
CA GLY A 252 11.45 2.18 -27.78
C GLY A 252 11.69 2.70 -26.38
N GLU A 253 10.66 2.65 -25.54
CA GLU A 253 10.77 3.15 -24.17
C GLU A 253 10.47 2.05 -23.16
N GLU A 254 10.43 0.81 -23.63
CA GLU A 254 10.13 -0.33 -22.76
C GLU A 254 11.08 -0.45 -21.58
N GLN A 255 12.36 -0.14 -21.82
CA GLN A 255 13.37 -0.31 -20.79
C GLN A 255 13.32 0.77 -19.71
N ARG A 256 12.35 1.67 -19.83
CA ARG A 256 12.16 2.73 -18.84
C ARG A 256 11.06 2.38 -17.86
N TYR A 257 10.42 1.23 -18.08
CA TYR A 257 9.33 0.78 -17.23
C TYR A 257 9.75 -0.38 -16.33
N THR A 258 9.27 -0.37 -15.10
CA THR A 258 9.58 -1.42 -14.14
C THR A 258 8.32 -1.89 -13.40
N CYS A 259 8.22 -3.18 -13.18
CA CYS A 259 7.10 -3.75 -12.45
C CYS A 259 7.46 -3.96 -10.99
N HIS A 260 6.49 -3.74 -10.10
CA HIS A 260 6.73 -3.87 -8.67
C HIS A 260 5.65 -4.72 -8.02
N VAL A 261 6.08 -5.77 -7.33
CA VAL A 261 5.17 -6.73 -6.72
C VAL A 261 5.38 -6.86 -5.22
N GLN A 262 4.31 -6.75 -4.45
CA GLN A 262 4.36 -6.96 -3.01
C GLN A 262 3.54 -8.16 -2.61
N HIS A 263 4.20 -9.13 -1.98
CA HIS A 263 3.56 -10.33 -1.47
C HIS A 263 4.37 -10.84 -0.27
N GLU A 264 3.67 -11.21 0.80
CA GLU A 264 4.33 -11.60 2.04
C GLU A 264 5.20 -12.84 1.88
N GLY A 265 5.09 -13.49 0.72
CA GLY A 265 5.89 -14.66 0.43
C GLY A 265 7.29 -14.30 -0.02
N LEU A 266 7.50 -13.03 -0.34
CA LEU A 266 8.79 -12.54 -0.79
C LEU A 266 9.51 -11.80 0.33
N PRO A 267 10.80 -12.10 0.52
CA PRO A 267 11.63 -11.44 1.53
C PRO A 267 11.59 -9.91 1.35
N GLU A 268 11.64 -9.48 0.10
CA GLU A 268 11.63 -8.06 -0.23
C GLU A 268 10.82 -7.83 -1.50
N PRO A 269 10.28 -6.61 -1.67
CA PRO A 269 9.52 -6.27 -2.88
C PRO A 269 10.37 -6.44 -4.14
N LEU A 270 9.81 -7.07 -5.17
CA LEU A 270 10.55 -7.36 -6.39
C LEU A 270 10.46 -6.24 -7.42
N THR A 271 11.55 -6.04 -8.15
CA THR A 271 11.59 -5.10 -9.26
C THR A 271 11.87 -5.85 -10.55
N LEU A 272 10.93 -5.80 -11.49
CA LEU A 272 11.04 -6.55 -12.72
C LEU A 272 11.20 -5.65 -13.94
N ARG A 273 11.95 -6.13 -14.92
CA ARG A 273 12.17 -5.40 -16.16
C ARG A 273 12.02 -6.37 -17.33
N TRP A 274 11.65 -5.85 -18.50
CA TRP A 274 11.47 -6.71 -19.66
C TRP A 274 12.79 -7.38 -20.06
N GLU A 275 12.81 -8.70 -19.99
CA GLU A 275 13.99 -9.47 -20.36
C GLU A 275 13.72 -10.29 -21.61
N PRO A 276 13.91 -9.70 -22.79
CA PRO A 276 13.66 -10.37 -24.08
C PRO A 276 14.49 -11.64 -24.21
N GLN B 2 -28.83 -5.33 -8.95
CA GLN B 2 -28.20 -6.25 -9.88
C GLN B 2 -26.87 -5.69 -10.40
N ARG B 3 -25.91 -6.59 -10.63
CA ARG B 3 -24.59 -6.18 -11.10
CA ARG B 3 -24.59 -6.18 -11.10
C ARG B 3 -24.09 -7.06 -12.24
N THR B 4 -23.40 -6.46 -13.19
CA THR B 4 -22.85 -7.17 -14.34
C THR B 4 -21.59 -7.95 -13.97
N PRO B 5 -21.53 -9.23 -14.39
CA PRO B 5 -20.41 -10.11 -14.06
C PRO B 5 -19.12 -9.78 -14.81
N LYS B 6 -17.98 -10.03 -14.15
CA LYS B 6 -16.67 -9.88 -14.76
C LYS B 6 -16.21 -11.26 -15.24
N ILE B 7 -15.64 -11.30 -16.43
CA ILE B 7 -15.22 -12.57 -17.03
C ILE B 7 -13.70 -12.63 -17.26
N GLN B 8 -13.05 -13.61 -16.66
CA GLN B 8 -11.63 -13.85 -16.88
C GLN B 8 -11.37 -15.30 -17.27
N VAL B 9 -11.17 -15.54 -18.56
CA VAL B 9 -10.81 -16.86 -19.04
C VAL B 9 -9.29 -16.93 -19.20
N TYR B 10 -8.67 -17.92 -18.57
CA TYR B 10 -7.20 -18.03 -18.56
C TYR B 10 -6.75 -19.45 -18.31
N SER B 11 -5.43 -19.65 -18.32
CA SER B 11 -4.87 -20.98 -18.06
C SER B 11 -4.16 -21.01 -16.71
N ARG B 12 -4.24 -22.15 -16.03
CA ARG B 12 -3.59 -22.31 -14.73
C ARG B 12 -2.10 -22.05 -14.84
N HIS B 13 -1.45 -22.72 -15.78
CA HIS B 13 -0.03 -22.53 -16.02
C HIS B 13 0.19 -21.84 -17.36
N PRO B 14 1.33 -21.15 -17.51
CA PRO B 14 1.66 -20.52 -18.80
C PRO B 14 1.48 -21.50 -19.95
N PRO B 15 0.63 -21.14 -20.93
CA PRO B 15 0.25 -22.02 -22.03
C PRO B 15 1.44 -22.43 -22.90
N GLU B 16 1.49 -23.71 -23.27
CA GLU B 16 2.53 -24.25 -24.14
C GLU B 16 1.93 -25.31 -25.04
N ASN B 17 2.05 -25.11 -26.35
CA ASN B 17 1.42 -26.01 -27.32
C ASN B 17 1.81 -27.47 -27.14
N GLY B 18 0.80 -28.32 -26.95
CA GLY B 18 1.01 -29.75 -26.84
C GLY B 18 1.20 -30.18 -25.41
N LYS B 19 1.19 -29.23 -24.49
CA LYS B 19 1.41 -29.51 -23.08
C LYS B 19 0.11 -29.43 -22.30
N PRO B 20 -0.22 -30.50 -21.57
CA PRO B 20 -1.43 -30.58 -20.73
C PRO B 20 -1.55 -29.37 -19.81
N ASN B 21 -2.76 -28.84 -19.70
CA ASN B 21 -3.00 -27.64 -18.89
C ASN B 21 -4.45 -27.59 -18.40
N PHE B 22 -4.77 -26.57 -17.60
CA PHE B 22 -6.10 -26.41 -17.04
C PHE B 22 -6.74 -25.09 -17.45
N LEU B 23 -7.84 -25.18 -18.19
CA LEU B 23 -8.59 -24.01 -18.61
C LEU B 23 -9.58 -23.55 -17.55
N ASN B 24 -9.49 -22.26 -17.20
CA ASN B 24 -10.32 -21.67 -16.16
C ASN B 24 -11.15 -20.50 -16.68
N CYS B 25 -12.39 -20.44 -16.20
CA CYS B 25 -13.27 -19.31 -16.48
C CYS B 25 -13.77 -18.77 -15.16
N TYR B 26 -13.26 -17.60 -14.79
CA TYR B 26 -13.56 -17.00 -13.51
C TYR B 26 -14.52 -15.82 -13.68
N VAL B 27 -15.73 -15.99 -13.18
CA VAL B 27 -16.76 -14.96 -13.27
C VAL B 27 -17.00 -14.38 -11.88
N SER B 28 -16.97 -13.06 -11.78
CA SER B 28 -17.12 -12.41 -10.48
C SER B 28 -18.03 -11.18 -10.52
N GLY B 29 -18.03 -10.43 -9.42
CA GLY B 29 -18.77 -9.19 -9.33
C GLY B 29 -20.17 -9.18 -9.94
N PHE B 30 -20.91 -10.28 -9.74
CA PHE B 30 -22.27 -10.36 -10.28
C PHE B 30 -23.31 -10.62 -9.20
N HIS B 31 -24.54 -10.20 -9.47
CA HIS B 31 -25.65 -10.37 -8.54
C HIS B 31 -26.96 -10.17 -9.30
N PRO B 32 -27.93 -11.07 -9.10
CA PRO B 32 -27.90 -12.19 -8.15
C PRO B 32 -26.98 -13.33 -8.61
N SER B 33 -26.93 -14.40 -7.83
CA SER B 33 -26.04 -15.52 -8.10
C SER B 33 -26.59 -16.46 -9.16
N ASP B 34 -27.70 -16.07 -9.78
CA ASP B 34 -28.32 -16.87 -10.83
C ASP B 34 -27.60 -16.62 -12.14
N ILE B 35 -26.80 -17.58 -12.58
CA ILE B 35 -25.96 -17.40 -13.76
C ILE B 35 -25.64 -18.72 -14.44
N GLU B 36 -25.41 -18.67 -15.75
CA GLU B 36 -24.97 -19.85 -16.50
C GLU B 36 -23.59 -19.62 -17.12
N VAL B 37 -22.72 -20.61 -16.98
CA VAL B 37 -21.37 -20.51 -17.53
C VAL B 37 -20.99 -21.77 -18.30
N ASP B 38 -20.44 -21.57 -19.50
CA ASP B 38 -20.03 -22.69 -20.34
C ASP B 38 -18.62 -22.48 -20.90
N LEU B 39 -17.85 -23.55 -20.96
CA LEU B 39 -16.54 -23.52 -21.59
C LEU B 39 -16.65 -24.10 -22.99
N LEU B 40 -16.21 -23.33 -23.98
CA LEU B 40 -16.39 -23.70 -25.38
C LEU B 40 -15.06 -23.97 -26.09
N LYS B 41 -15.04 -24.99 -26.92
CA LYS B 41 -13.91 -25.28 -27.78
C LYS B 41 -14.37 -25.27 -29.24
N ASN B 42 -13.95 -24.23 -29.97
CA ASN B 42 -14.34 -24.05 -31.37
C ASN B 42 -15.84 -23.84 -31.54
N GLY B 43 -16.46 -23.23 -30.53
CA GLY B 43 -17.87 -22.87 -30.61
C GLY B 43 -18.82 -23.88 -29.99
N GLU B 44 -18.30 -25.06 -29.66
CA GLU B 44 -19.12 -26.12 -29.08
C GLU B 44 -18.81 -26.33 -27.60
N LYS B 45 -19.84 -26.63 -26.82
CA LYS B 45 -19.68 -26.87 -25.39
C LYS B 45 -18.64 -27.95 -25.12
N MET B 46 -17.91 -27.79 -24.03
CA MET B 46 -16.83 -28.72 -23.69
C MET B 46 -17.35 -29.95 -22.97
N GLY B 47 -16.61 -31.05 -23.05
CA GLY B 47 -17.05 -32.33 -22.53
C GLY B 47 -17.31 -32.36 -21.03
N LYS B 48 -16.31 -32.03 -20.24
CA LYS B 48 -16.41 -32.15 -18.78
C LYS B 48 -16.10 -30.84 -18.08
N VAL B 49 -17.15 -30.07 -17.80
CA VAL B 49 -17.00 -28.77 -17.15
C VAL B 49 -17.62 -28.76 -15.76
N GLU B 50 -16.80 -28.48 -14.75
CA GLU B 50 -17.27 -28.40 -13.38
C GLU B 50 -16.98 -27.01 -12.81
N HIS B 51 -17.63 -26.68 -11.69
CA HIS B 51 -17.42 -25.37 -11.08
C HIS B 51 -17.26 -25.46 -9.57
N SER B 52 -16.69 -24.41 -8.98
CA SER B 52 -16.49 -24.37 -7.53
C SER B 52 -17.78 -23.98 -6.81
N ASP B 53 -17.73 -24.01 -5.48
CA ASP B 53 -18.90 -23.70 -4.68
C ASP B 53 -19.15 -22.19 -4.62
N LEU B 54 -20.40 -21.81 -4.80
CA LEU B 54 -20.79 -20.41 -4.81
C LEU B 54 -20.30 -19.66 -3.57
N SER B 55 -19.68 -18.51 -3.79
CA SER B 55 -19.20 -17.67 -2.70
C SER B 55 -19.31 -16.20 -3.08
N PHE B 56 -18.99 -15.31 -2.14
CA PHE B 56 -19.07 -13.88 -2.40
C PHE B 56 -17.95 -13.12 -1.71
N SER B 57 -17.75 -11.86 -2.11
CA SER B 57 -16.70 -11.03 -1.54
C SER B 57 -17.27 -9.97 -0.59
N LYS B 58 -16.50 -8.93 -0.36
CA LYS B 58 -16.87 -7.90 0.61
C LYS B 58 -18.12 -7.12 0.20
N ASP B 59 -18.22 -6.77 -1.08
CA ASP B 59 -19.37 -6.01 -1.57
C ASP B 59 -20.54 -6.92 -1.95
N TRP B 60 -20.52 -8.14 -1.42
CA TRP B 60 -21.62 -9.09 -1.57
C TRP B 60 -21.76 -9.66 -2.98
N SER B 61 -20.86 -9.27 -3.88
CA SER B 61 -20.89 -9.78 -5.24
C SER B 61 -20.36 -11.23 -5.27
N PHE B 62 -21.03 -12.08 -6.04
CA PHE B 62 -20.67 -13.49 -6.10
C PHE B 62 -19.49 -13.74 -7.04
N TYR B 63 -18.79 -14.84 -6.82
CA TYR B 63 -17.71 -15.24 -7.72
C TYR B 63 -17.67 -16.76 -7.88
N LEU B 64 -17.64 -17.20 -9.14
CA LEU B 64 -17.61 -18.63 -9.46
C LEU B 64 -16.44 -18.95 -10.37
N LEU B 65 -16.03 -20.23 -10.36
CA LEU B 65 -14.93 -20.68 -11.21
C LEU B 65 -15.29 -21.97 -11.94
N TYR B 66 -15.45 -21.87 -13.26
CA TYR B 66 -15.75 -23.03 -14.10
C TYR B 66 -14.50 -23.50 -14.82
N TYR B 67 -14.06 -24.71 -14.51
CA TYR B 67 -12.77 -25.20 -14.99
C TYR B 67 -12.89 -26.53 -15.75
N THR B 68 -11.88 -26.81 -16.56
CA THR B 68 -11.79 -28.10 -17.26
C THR B 68 -10.35 -28.34 -17.72
N GLU B 69 -10.04 -29.59 -18.05
CA GLU B 69 -8.71 -29.93 -18.54
C GLU B 69 -8.60 -29.68 -20.04
N PHE B 70 -7.57 -28.96 -20.47
CA PHE B 70 -7.37 -28.69 -21.89
C PHE B 70 -5.90 -28.67 -22.28
N THR B 71 -5.64 -28.89 -23.57
CA THR B 71 -4.29 -28.85 -24.10
C THR B 71 -4.26 -27.91 -25.31
N PRO B 72 -3.74 -26.69 -25.11
CA PRO B 72 -3.77 -25.63 -26.12
C PRO B 72 -2.86 -25.90 -27.32
N ASN B 73 -3.24 -25.33 -28.46
CA ASN B 73 -2.44 -25.41 -29.67
C ASN B 73 -2.72 -24.22 -30.61
N GLU B 74 -2.08 -24.23 -31.76
CA GLU B 74 -2.20 -23.11 -32.69
C GLU B 74 -3.56 -23.04 -33.40
N LYS B 75 -4.15 -24.21 -33.64
CA LYS B 75 -5.38 -24.28 -34.42
C LYS B 75 -6.65 -24.06 -33.58
N ASP B 76 -6.74 -24.74 -32.45
CA ASP B 76 -7.96 -24.71 -31.64
C ASP B 76 -8.20 -23.36 -30.99
N GLU B 77 -9.48 -23.03 -30.80
CA GLU B 77 -9.88 -21.77 -30.20
C GLU B 77 -10.83 -22.01 -29.02
N TYR B 78 -10.40 -21.62 -27.83
CA TYR B 78 -11.20 -21.80 -26.62
C TYR B 78 -11.86 -20.49 -26.20
N ALA B 79 -12.97 -20.59 -25.49
CA ALA B 79 -13.70 -19.40 -25.04
C ALA B 79 -14.62 -19.71 -23.86
N CYS B 80 -15.21 -18.66 -23.31
CA CYS B 80 -16.15 -18.81 -22.19
C CYS B 80 -17.43 -18.03 -22.46
N ARG B 81 -18.57 -18.69 -22.33
CA ARG B 81 -19.86 -18.07 -22.57
C ARG B 81 -20.64 -17.92 -21.27
N VAL B 82 -21.16 -16.73 -21.04
CA VAL B 82 -21.87 -16.43 -19.79
C VAL B 82 -23.25 -15.83 -20.02
N ASN B 83 -24.27 -16.44 -19.42
CA ASN B 83 -25.63 -15.91 -19.46
C ASN B 83 -26.07 -15.42 -18.10
N HIS B 84 -26.54 -14.16 -18.05
CA HIS B 84 -26.97 -13.55 -16.81
C HIS B 84 -28.11 -12.56 -17.09
N VAL B 85 -28.94 -12.31 -16.10
CA VAL B 85 -30.09 -11.44 -16.26
C VAL B 85 -29.70 -10.02 -16.64
N THR B 86 -28.51 -9.61 -16.21
CA THR B 86 -28.02 -8.26 -16.50
C THR B 86 -27.31 -8.19 -17.85
N LEU B 87 -27.39 -9.27 -18.61
CA LEU B 87 -26.74 -9.33 -19.91
C LEU B 87 -27.72 -9.50 -21.05
N SER B 88 -27.68 -8.59 -22.01
CA SER B 88 -28.50 -8.69 -23.21
C SER B 88 -27.91 -9.75 -24.13
N GLY B 89 -28.37 -10.99 -23.98
CA GLY B 89 -27.81 -12.10 -24.72
C GLY B 89 -26.56 -12.62 -24.04
N PRO B 90 -26.09 -13.81 -24.46
CA PRO B 90 -24.90 -14.41 -23.86
C PRO B 90 -23.62 -13.68 -24.28
N ARG B 91 -22.70 -13.52 -23.34
CA ARG B 91 -21.41 -12.88 -23.64
C ARG B 91 -20.33 -13.94 -23.78
N THR B 92 -19.59 -13.88 -24.88
CA THR B 92 -18.53 -14.85 -25.14
C THR B 92 -17.16 -14.19 -25.17
N VAL B 93 -16.29 -14.60 -24.25
CA VAL B 93 -14.93 -14.10 -24.19
C VAL B 93 -13.94 -15.17 -24.60
N LYS B 94 -13.24 -14.94 -25.70
CA LYS B 94 -12.25 -15.88 -26.20
C LYS B 94 -11.04 -15.95 -25.27
N TRP B 95 -10.37 -17.10 -25.24
CA TRP B 95 -9.18 -17.25 -24.43
C TRP B 95 -7.94 -16.74 -25.17
N ASP B 96 -7.31 -15.73 -24.60
CA ASP B 96 -6.09 -15.16 -25.18
C ASP B 96 -4.88 -15.61 -24.37
N ARG B 97 -3.94 -16.27 -25.03
CA ARG B 97 -2.76 -16.79 -24.35
C ARG B 97 -1.86 -15.67 -23.83
N ASP B 98 -2.23 -14.43 -24.13
CA ASP B 98 -1.49 -13.27 -23.64
C ASP B 98 -2.18 -12.65 -22.43
N MET B 99 -3.35 -13.18 -22.10
CA MET B 99 -4.14 -12.68 -20.98
C MET B 99 -4.47 -13.79 -19.98
N MET C 1 -15.53 -24.96 12.81
CA MET C 1 -16.85 -25.18 13.37
C MET C 1 -17.75 -23.97 13.14
N ARG C 2 -19.01 -24.23 12.77
CA ARG C 2 -19.96 -23.18 12.46
C ARG C 2 -20.57 -22.56 13.72
N HIS C 3 -21.19 -21.39 13.54
CA HIS C 3 -21.91 -20.72 14.62
C HIS C 3 -23.41 -20.90 14.45
N VAL C 4 -24.11 -21.18 15.54
CA VAL C 4 -25.55 -21.34 15.51
C VAL C 4 -26.23 -20.01 15.18
N LEU C 5 -26.64 -19.86 13.93
CA LEU C 5 -27.28 -18.63 13.47
C LEU C 5 -28.64 -18.42 14.11
N GLU C 6 -29.09 -17.17 14.13
CA GLU C 6 -30.39 -16.84 14.70
C GLU C 6 -31.21 -15.96 13.75
N PRO C 7 -32.53 -16.15 13.73
CA PRO C 7 -33.44 -15.51 12.77
C PRO C 7 -33.45 -13.98 12.87
N PHE C 8 -33.91 -13.33 11.80
CA PHE C 8 -34.09 -11.87 11.79
C PHE C 8 -35.36 -11.50 12.56
N GLY D 1 16.56 -3.93 4.12
CA GLY D 1 16.51 -4.91 3.05
C GLY D 1 16.84 -4.30 1.70
N SER D 2 16.07 -3.29 1.30
CA SER D 2 16.32 -2.58 0.05
C SER D 2 16.99 -1.24 0.33
N HIS D 3 18.30 -1.26 0.45
CA HIS D 3 19.06 -0.08 0.83
C HIS D 3 19.41 0.80 -0.36
N SER D 4 19.75 2.06 -0.09
CA SER D 4 20.03 3.03 -1.14
C SER D 4 21.01 4.10 -0.66
N MET D 5 21.71 4.72 -1.60
CA MET D 5 22.59 5.84 -1.28
C MET D 5 22.33 7.01 -2.22
N LYS D 6 22.13 8.19 -1.66
CA LYS D 6 21.84 9.38 -2.46
C LYS D 6 22.65 10.60 -2.01
N TYR D 7 23.07 11.41 -2.99
CA TYR D 7 23.71 12.67 -2.73
C TYR D 7 22.88 13.81 -3.29
N PHE D 8 22.73 14.86 -2.49
CA PHE D 8 21.93 16.03 -2.84
C PHE D 8 22.82 17.28 -2.89
N TYR D 9 22.58 18.11 -3.90
CA TYR D 9 23.39 19.30 -4.12
C TYR D 9 22.51 20.52 -4.40
N THR D 10 22.84 21.63 -3.74
CA THR D 10 22.11 22.88 -3.92
C THR D 10 23.08 24.05 -4.04
N SER D 11 23.04 24.75 -5.16
CA SER D 11 23.89 25.92 -5.36
C SER D 11 23.03 27.16 -5.66
N VAL D 12 23.18 28.18 -4.83
CA VAL D 12 22.39 29.40 -4.98
C VAL D 12 23.29 30.61 -5.23
N SER D 13 23.12 31.22 -6.39
CA SER D 13 23.89 32.42 -6.71
C SER D 13 23.38 33.60 -5.90
N ARG D 14 24.30 34.46 -5.46
CA ARG D 14 23.94 35.62 -4.66
C ARG D 14 24.70 36.86 -5.13
N PRO D 15 24.19 37.53 -6.17
CA PRO D 15 24.81 38.71 -6.78
C PRO D 15 25.17 39.77 -5.74
N GLY D 16 26.39 40.29 -5.84
CA GLY D 16 26.84 41.32 -4.92
C GLY D 16 27.25 40.78 -3.57
N ARG D 17 27.43 39.47 -3.48
CA ARG D 17 27.83 38.84 -2.22
C ARG D 17 28.91 37.78 -2.42
N GLY D 18 29.44 37.70 -3.64
CA GLY D 18 30.53 36.79 -3.95
C GLY D 18 30.07 35.44 -4.45
N GLU D 19 30.84 34.40 -4.12
CA GLU D 19 30.56 33.04 -4.58
C GLU D 19 29.15 32.60 -4.19
N PRO D 20 28.54 31.74 -5.04
CA PRO D 20 27.24 31.14 -4.74
C PRO D 20 27.35 30.15 -3.59
N ARG D 21 26.32 30.05 -2.75
CA ARG D 21 26.36 29.10 -1.65
C ARG D 21 26.12 27.68 -2.13
N PHE D 22 26.99 26.77 -1.67
CA PHE D 22 26.92 25.37 -2.07
C PHE D 22 26.71 24.48 -0.86
N ILE D 23 25.57 23.78 -0.84
CA ILE D 23 25.24 22.87 0.24
C ILE D 23 24.89 21.48 -0.31
N SER D 24 25.68 20.48 0.09
CA SER D 24 25.47 19.12 -0.39
C SER D 24 25.44 18.14 0.78
N VAL D 25 24.52 17.18 0.73
CA VAL D 25 24.39 16.20 1.80
C VAL D 25 24.35 14.77 1.29
N GLY D 26 24.79 13.84 2.14
CA GLY D 26 24.80 12.42 1.80
C GLY D 26 23.85 11.61 2.65
N TYR D 27 23.21 10.64 2.01
CA TYR D 27 22.17 9.84 2.65
C TYR D 27 22.32 8.35 2.36
N VAL D 28 22.25 7.55 3.41
CA VAL D 28 22.05 6.11 3.30
C VAL D 28 20.62 5.82 3.74
N ASP D 29 19.80 5.40 2.79
CA ASP D 29 18.37 5.25 3.03
C ASP D 29 17.78 6.58 3.48
N ASP D 30 17.37 6.64 4.74
CA ASP D 30 16.77 7.86 5.29
C ASP D 30 17.65 8.45 6.39
N THR D 31 18.94 8.17 6.31
CA THR D 31 19.87 8.61 7.33
C THR D 31 21.01 9.43 6.72
N GLN D 32 21.13 10.69 7.14
CA GLN D 32 22.21 11.54 6.66
C GLN D 32 23.52 11.07 7.29
N PHE D 33 24.61 11.16 6.54
CA PHE D 33 25.90 10.71 7.07
C PHE D 33 27.07 11.65 6.72
N VAL D 34 26.88 12.51 5.72
CA VAL D 34 27.91 13.47 5.35
C VAL D 34 27.33 14.84 5.01
N ARG D 35 28.18 15.86 5.04
CA ARG D 35 27.76 17.23 4.83
C ARG D 35 28.90 18.11 4.30
N PHE D 36 28.57 19.01 3.38
CA PHE D 36 29.54 19.98 2.89
C PHE D 36 28.88 21.34 2.68
N ASP D 37 29.37 22.35 3.38
CA ASP D 37 28.82 23.70 3.27
C ASP D 37 29.92 24.69 2.87
N SER D 38 29.70 25.36 1.75
CA SER D 38 30.68 26.32 1.24
C SER D 38 30.86 27.49 2.21
N ASP D 39 29.84 27.75 3.02
CA ASP D 39 29.90 28.85 3.98
C ASP D 39 30.26 28.38 5.38
N ALA D 40 30.77 27.16 5.48
CA ALA D 40 31.34 26.69 6.75
C ALA D 40 32.65 27.41 6.98
N GLU D 41 33.03 27.55 8.24
CA GLU D 41 34.26 28.27 8.58
C GLU D 41 35.50 27.60 7.98
N SER D 42 35.37 26.31 7.70
CA SER D 42 36.42 25.56 7.03
C SER D 42 35.82 24.44 6.19
N PRO D 43 35.30 24.80 5.00
CA PRO D 43 34.60 23.87 4.11
C PRO D 43 35.32 22.54 3.97
N ARG D 44 34.60 21.46 4.27
CA ARG D 44 35.15 20.11 4.21
C ARG D 44 34.05 19.08 4.39
N GLU D 45 34.25 17.90 3.82
CA GLU D 45 33.30 16.81 4.00
C GLU D 45 33.26 16.42 5.48
N GLU D 46 32.12 16.64 6.12
CA GLU D 46 31.98 16.38 7.55
C GLU D 46 31.05 15.22 7.83
N PRO D 47 31.38 14.42 8.86
CA PRO D 47 30.56 13.28 9.29
C PRO D 47 29.34 13.73 10.07
N ARG D 48 28.17 13.20 9.72
CA ARG D 48 26.94 13.49 10.45
C ARG D 48 26.33 12.20 10.98
N ALA D 49 27.09 11.11 10.89
CA ALA D 49 26.67 9.82 11.41
C ALA D 49 27.83 9.14 12.13
N PRO D 50 27.53 8.49 13.27
CA PRO D 50 28.55 7.84 14.11
C PRO D 50 29.36 6.80 13.36
N TRP D 51 28.69 5.95 12.59
CA TRP D 51 29.34 4.83 11.92
C TRP D 51 30.29 5.23 10.80
N VAL D 52 29.99 6.33 10.12
CA VAL D 52 30.78 6.77 8.98
C VAL D 52 31.97 7.63 9.41
N GLU D 53 32.16 7.73 10.71
CA GLU D 53 33.20 8.59 11.27
C GLU D 53 34.53 7.85 11.45
N GLN D 54 34.51 6.54 11.20
CA GLN D 54 35.69 5.71 11.40
C GLN D 54 36.62 5.74 10.20
N GLU D 55 36.19 6.39 9.12
CA GLU D 55 36.99 6.47 7.91
C GLU D 55 38.26 7.28 8.12
N GLY D 56 39.34 6.85 7.47
CA GLY D 56 40.63 7.51 7.61
C GLY D 56 40.71 8.83 6.86
N PRO D 57 41.83 9.54 7.03
CA PRO D 57 42.08 10.84 6.40
C PRO D 57 41.86 10.82 4.88
N GLU D 58 42.24 9.72 4.23
CA GLU D 58 42.11 9.60 2.79
C GLU D 58 40.68 9.86 2.34
N TYR D 59 39.74 9.18 2.98
CA TYR D 59 38.33 9.32 2.65
C TYR D 59 37.86 10.76 2.72
N TRP D 60 38.32 11.47 3.75
CA TRP D 60 37.89 12.85 3.98
C TRP D 60 38.53 13.84 3.02
N GLU D 61 39.79 13.59 2.67
CA GLU D 61 40.50 14.45 1.72
C GLU D 61 39.92 14.28 0.32
N GLU D 62 39.72 13.03 -0.09
CA GLU D 62 39.15 12.73 -1.39
C GLU D 62 37.71 13.24 -1.48
N ALA D 63 36.94 13.00 -0.42
CA ALA D 63 35.56 13.44 -0.36
C ALA D 63 35.47 14.96 -0.46
N THR D 64 36.30 15.65 0.33
CA THR D 64 36.36 17.10 0.29
C THR D 64 36.72 17.58 -1.11
N ARG D 65 37.69 16.90 -1.73
CA ARG D 65 38.12 17.24 -3.07
C ARG D 65 36.95 17.18 -4.06
N ARG D 66 36.27 16.04 -4.08
CA ARG D 66 35.14 15.85 -4.99
C ARG D 66 34.01 16.84 -4.69
N ALA D 67 33.88 17.22 -3.42
CA ALA D 67 32.86 18.18 -3.02
C ALA D 67 33.16 19.56 -3.59
N LYS D 68 34.38 20.04 -3.40
CA LYS D 68 34.78 21.33 -3.94
C LYS D 68 34.67 21.33 -5.46
N GLU D 69 35.14 20.24 -6.08
CA GLU D 69 35.03 20.09 -7.52
C GLU D 69 33.56 20.21 -7.94
N ALA D 70 32.68 19.65 -7.12
CA ALA D 70 31.24 19.75 -7.37
C ALA D 70 30.78 21.20 -7.29
N ALA D 71 31.29 21.93 -6.30
CA ALA D 71 30.95 23.34 -6.15
C ALA D 71 31.33 24.13 -7.40
N GLN D 72 32.59 24.01 -7.80
CA GLN D 72 33.06 24.67 -9.02
C GLN D 72 32.17 24.30 -10.20
N THR D 73 31.91 23.00 -10.35
CA THR D 73 31.06 22.52 -11.42
C THR D 73 29.70 23.23 -11.41
N HIS D 74 29.17 23.46 -10.21
CA HIS D 74 27.88 24.12 -10.07
C HIS D 74 27.94 25.61 -10.38
N ARG D 75 29.09 26.22 -10.13
CA ARG D 75 29.29 27.62 -10.52
C ARG D 75 29.28 27.72 -12.04
N GLU D 76 30.07 26.85 -12.68
CA GLU D 76 30.10 26.77 -14.14
C GLU D 76 28.71 26.55 -14.69
N ASN D 77 27.94 25.68 -14.02
CA ASN D 77 26.57 25.39 -14.43
C ASN D 77 25.67 26.61 -14.26
N LEU D 78 25.98 27.43 -13.26
CA LEU D 78 25.22 28.65 -13.03
C LEU D 78 25.45 29.65 -14.16
N ARG D 79 26.71 29.88 -14.51
CA ARG D 79 27.02 30.77 -15.63
C ARG D 79 26.44 30.26 -16.94
N THR D 80 26.74 29.00 -17.23
CA THR D 80 26.23 28.34 -18.43
C THR D 80 24.72 28.49 -18.53
N ALA D 81 24.04 28.27 -17.41
CA ALA D 81 22.58 28.41 -17.36
C ALA D 81 22.16 29.84 -17.64
N LEU D 82 22.89 30.79 -17.05
CA LEU D 82 22.66 32.20 -17.31
C LEU D 82 22.73 32.48 -18.81
N ARG D 83 23.56 31.72 -19.51
CA ARG D 83 23.69 31.90 -20.96
C ARG D 83 22.56 31.24 -21.72
N TYR D 84 22.27 29.98 -21.39
CA TYR D 84 21.22 29.23 -22.06
C TYR D 84 19.89 29.99 -22.05
N TYR D 85 19.45 30.38 -20.86
CA TYR D 85 18.17 31.06 -20.71
C TYR D 85 18.27 32.56 -20.98
N ASN D 86 19.48 33.02 -21.31
CA ASN D 86 19.69 34.45 -21.55
C ASN D 86 19.22 35.30 -20.38
N GLN D 87 19.87 35.11 -19.23
CA GLN D 87 19.46 35.80 -18.02
C GLN D 87 20.54 36.75 -17.51
N SER D 88 20.17 37.60 -16.56
CA SER D 88 21.08 38.58 -16.00
C SER D 88 21.84 38.03 -14.80
N GLU D 89 22.95 38.65 -14.46
CA GLU D 89 23.76 38.22 -13.33
C GLU D 89 23.37 38.94 -12.05
N ALA D 90 22.39 39.84 -12.16
CA ALA D 90 21.91 40.59 -11.02
C ALA D 90 20.80 39.83 -10.29
N GLY D 91 20.35 38.72 -10.90
CA GLY D 91 19.31 37.91 -10.32
C GLY D 91 19.85 36.63 -9.69
N SER D 92 19.13 36.12 -8.70
CA SER D 92 19.53 34.90 -8.02
C SER D 92 18.97 33.66 -8.71
N HIS D 93 19.73 32.58 -8.70
CA HIS D 93 19.31 31.33 -9.32
C HIS D 93 19.74 30.12 -8.50
N THR D 94 19.00 29.02 -8.64
CA THR D 94 19.27 27.82 -7.86
C THR D 94 19.45 26.60 -8.75
N ILE D 95 20.50 25.83 -8.48
CA ILE D 95 20.72 24.56 -9.17
C ILE D 95 20.71 23.41 -8.18
N GLN D 96 19.83 22.44 -8.41
CA GLN D 96 19.72 21.28 -7.54
C GLN D 96 20.09 20.00 -8.28
N LYS D 97 20.67 19.04 -7.56
CA LYS D 97 21.12 17.81 -8.19
C LYS D 97 21.09 16.62 -7.22
N MET D 98 20.32 15.60 -7.55
CA MET D 98 20.26 14.40 -6.74
C MET D 98 20.70 13.18 -7.54
N TYR D 99 21.59 12.38 -6.98
CA TYR D 99 22.01 11.15 -7.65
C TYR D 99 22.31 10.03 -6.67
N GLY D 100 22.01 8.79 -7.04
CA GLY D 100 22.28 7.69 -6.14
C GLY D 100 22.11 6.31 -6.76
N CYS D 101 22.13 5.29 -5.91
CA CYS D 101 21.98 3.92 -6.36
C CYS D 101 21.24 3.07 -5.33
N ASP D 102 20.50 2.08 -5.81
CA ASP D 102 19.79 1.15 -4.95
C ASP D 102 20.43 -0.23 -5.01
N LEU D 103 20.90 -0.72 -3.87
CA LEU D 103 21.50 -2.05 -3.80
C LEU D 103 20.41 -3.11 -3.89
N GLY D 104 20.53 -4.00 -4.87
CA GLY D 104 19.55 -5.06 -5.06
C GLY D 104 19.77 -6.21 -4.10
N PRO D 105 18.80 -7.13 -4.04
CA PRO D 105 18.89 -8.32 -3.17
C PRO D 105 19.96 -9.29 -3.68
N ASP D 106 20.29 -9.17 -4.97
CA ASP D 106 21.30 -10.01 -5.59
C ASP D 106 22.68 -9.37 -5.48
N GLY D 107 22.79 -8.34 -4.64
CA GLY D 107 24.05 -7.64 -4.45
C GLY D 107 24.45 -6.87 -5.69
N ARG D 108 23.50 -6.65 -6.59
CA ARG D 108 23.76 -5.96 -7.85
C ARG D 108 22.88 -4.73 -7.97
N LEU D 109 23.22 -3.84 -8.90
CA LEU D 109 22.47 -2.60 -9.07
C LEU D 109 20.99 -2.86 -9.37
N LEU D 110 20.12 -2.23 -8.58
CA LEU D 110 18.68 -2.39 -8.75
C LEU D 110 18.08 -1.19 -9.48
N ARG D 111 18.55 0.00 -9.12
CA ARG D 111 18.05 1.23 -9.73
C ARG D 111 19.06 2.37 -9.59
N GLY D 112 19.05 3.29 -10.54
CA GLY D 112 19.95 4.43 -10.51
C GLY D 112 19.23 5.75 -10.49
N TYR D 113 19.85 6.75 -9.86
CA TYR D 113 19.26 8.08 -9.77
C TYR D 113 20.24 9.15 -10.24
N HIS D 114 19.76 10.06 -11.09
CA HIS D 114 20.57 11.16 -11.57
C HIS D 114 19.69 12.22 -12.21
N GLN D 115 19.35 13.25 -11.43
CA GLN D 115 18.46 14.30 -11.92
C GLN D 115 18.83 15.68 -11.38
N SER D 116 18.74 16.69 -12.24
CA SER D 116 19.08 18.05 -11.87
C SER D 116 17.99 19.03 -12.29
N ALA D 117 17.68 19.96 -11.40
CA ALA D 117 16.66 20.98 -11.65
C ALA D 117 17.24 22.38 -11.56
N TYR D 118 16.62 23.32 -12.28
CA TYR D 118 17.05 24.70 -12.31
C TYR D 118 15.92 25.64 -11.91
N ASP D 119 16.09 26.31 -10.76
CA ASP D 119 15.09 27.24 -10.25
C ASP D 119 13.77 26.55 -9.89
N GLY D 120 13.87 25.35 -9.32
CA GLY D 120 12.70 24.64 -8.82
C GLY D 120 12.03 23.74 -9.84
N LYS D 121 12.33 23.97 -11.12
CA LYS D 121 11.72 23.18 -12.19
C LYS D 121 12.68 22.15 -12.75
N ASP D 122 12.14 21.03 -13.22
CA ASP D 122 12.95 20.00 -13.85
C ASP D 122 13.86 20.59 -14.92
N TYR D 123 15.10 20.13 -14.96
CA TYR D 123 16.04 20.57 -15.99
C TYR D 123 16.44 19.39 -16.87
N ILE D 124 17.14 18.42 -16.29
CA ILE D 124 17.54 17.24 -17.04
C ILE D 124 17.65 16.02 -16.13
N ALA D 125 17.20 14.87 -16.62
CA ALA D 125 17.21 13.66 -15.79
C ALA D 125 17.63 12.42 -16.58
N LEU D 126 18.20 11.45 -15.88
CA LEU D 126 18.59 10.18 -16.48
C LEU D 126 17.40 9.22 -16.46
N ASN D 127 17.11 8.60 -17.59
CA ASN D 127 15.97 7.71 -17.70
C ASN D 127 16.20 6.35 -17.04
N GLY D 128 15.12 5.59 -16.88
CA GLY D 128 15.18 4.30 -16.22
C GLY D 128 16.11 3.32 -16.91
N ASP D 129 16.38 3.56 -18.20
CA ASP D 129 17.26 2.70 -18.97
C ASP D 129 18.74 2.99 -18.67
N LEU D 130 18.98 4.05 -17.91
CA LEU D 130 20.33 4.44 -17.54
C LEU D 130 21.21 4.66 -18.77
N ARG D 131 20.60 5.11 -19.86
CA ARG D 131 21.30 5.30 -21.11
C ARG D 131 20.92 6.60 -21.81
N SER D 132 19.63 6.90 -21.82
CA SER D 132 19.13 8.11 -22.48
C SER D 132 18.78 9.19 -21.48
N TRP D 133 18.77 10.44 -21.93
CA TRP D 133 18.46 11.58 -21.07
C TRP D 133 17.14 12.23 -21.46
N THR D 134 16.47 12.80 -20.46
CA THR D 134 15.25 13.56 -20.70
C THR D 134 15.44 15.02 -20.28
N ALA D 135 15.30 15.92 -21.25
CA ALA D 135 15.42 17.34 -21.00
C ALA D 135 14.04 17.98 -20.88
N ALA D 136 13.91 18.94 -19.97
CA ALA D 136 12.62 19.55 -19.68
C ALA D 136 12.27 20.68 -20.66
N ASP D 137 13.28 21.24 -21.31
CA ASP D 137 13.06 22.35 -22.23
C ASP D 137 14.16 22.51 -23.27
N MET D 138 14.08 23.60 -24.03
CA MET D 138 15.03 23.89 -25.10
C MET D 138 16.46 23.99 -24.57
N ALA D 139 16.63 24.82 -23.54
CA ALA D 139 17.96 25.06 -22.97
C ALA D 139 18.62 23.78 -22.46
N ALA D 140 17.81 22.89 -21.90
CA ALA D 140 18.33 21.65 -21.33
C ALA D 140 18.80 20.69 -22.43
N GLN D 141 18.22 20.81 -23.61
CA GLN D 141 18.58 19.95 -24.73
C GLN D 141 20.03 20.17 -25.16
N ASN D 142 20.55 21.36 -24.87
CA ASN D 142 21.96 21.63 -25.08
C ASN D 142 22.79 20.69 -24.22
N THR D 143 22.44 20.62 -22.94
CA THR D 143 23.11 19.74 -22.00
C THR D 143 22.93 18.28 -22.40
N GLN D 144 21.74 17.94 -22.90
CA GLN D 144 21.48 16.58 -23.35
C GLN D 144 22.42 16.20 -24.49
N ARG D 145 22.51 17.06 -25.49
CA ARG D 145 23.39 16.82 -26.62
C ARG D 145 24.85 16.72 -26.17
N LYS D 146 25.27 17.63 -25.28
CA LYS D 146 26.65 17.65 -24.83
C LYS D 146 27.00 16.39 -24.03
N TRP D 147 26.02 15.86 -23.30
CA TRP D 147 26.24 14.66 -22.49
C TRP D 147 26.18 13.39 -23.33
N GLU D 148 25.36 13.40 -24.37
CA GLU D 148 25.30 12.29 -25.31
C GLU D 148 26.57 12.21 -26.14
N GLY D 149 27.15 13.39 -26.41
CA GLY D 149 28.33 13.47 -27.25
C GLY D 149 29.61 13.03 -26.56
N ASN D 150 29.62 13.05 -25.23
CA ASN D 150 30.82 12.73 -24.47
C ASN D 150 30.72 11.46 -23.64
N ARG D 151 29.69 10.65 -23.89
CA ARG D 151 29.52 9.38 -23.18
C ARG D 151 29.46 9.59 -21.67
N TYR D 152 28.59 10.49 -21.22
CA TYR D 152 28.49 10.80 -19.80
C TYR D 152 27.74 9.72 -19.00
N ALA D 153 26.56 9.35 -19.46
CA ALA D 153 25.75 8.34 -18.80
C ALA D 153 26.55 7.05 -18.61
N GLU D 154 27.51 6.83 -19.51
CA GLU D 154 28.36 5.66 -19.45
C GLU D 154 29.30 5.71 -18.25
N ARG D 155 29.94 6.86 -18.05
CA ARG D 155 30.84 7.05 -16.91
C ARG D 155 30.07 7.07 -15.59
N PHE D 156 29.02 7.88 -15.52
CA PHE D 156 28.19 7.93 -14.32
C PHE D 156 27.66 6.55 -13.98
N ARG D 157 27.41 5.77 -15.02
CA ARG D 157 26.94 4.40 -14.87
C ARG D 157 28.05 3.51 -14.33
N ALA D 158 29.27 3.76 -14.78
CA ALA D 158 30.44 3.07 -14.24
C ALA D 158 30.56 3.36 -12.74
N TYR D 159 30.24 4.59 -12.36
CA TYR D 159 30.21 4.97 -10.95
C TYR D 159 29.13 4.18 -10.20
N LEU D 160 27.92 4.19 -10.74
CA LEU D 160 26.80 3.47 -10.15
C LEU D 160 27.14 2.01 -9.88
N GLU D 161 27.65 1.32 -10.91
CA GLU D 161 27.93 -0.10 -10.79
C GLU D 161 29.18 -0.41 -9.99
N GLY D 162 30.04 0.59 -9.79
CA GLY D 162 31.29 0.39 -9.09
C GLY D 162 31.34 1.02 -7.72
N GLU D 163 31.89 2.23 -7.65
CA GLU D 163 32.11 2.92 -6.39
C GLU D 163 30.85 3.05 -5.53
N CYS D 164 29.74 3.43 -6.16
CA CYS D 164 28.49 3.64 -5.43
C CYS D 164 28.09 2.40 -4.62
N LEU D 165 27.97 1.27 -5.31
CA LEU D 165 27.60 0.01 -4.66
C LEU D 165 28.62 -0.43 -3.62
N GLU D 166 29.90 -0.30 -3.96
CA GLU D 166 30.97 -0.69 -3.04
C GLU D 166 30.86 0.05 -1.71
N TRP D 167 30.94 1.38 -1.79
CA TRP D 167 30.88 2.22 -0.60
C TRP D 167 29.54 2.13 0.11
N LEU D 168 28.49 1.81 -0.64
CA LEU D 168 27.18 1.60 -0.03
C LEU D 168 27.23 0.36 0.87
N ARG D 169 27.71 -0.75 0.30
CA ARG D 169 27.83 -1.98 1.06
C ARG D 169 28.71 -1.79 2.27
N ARG D 170 29.78 -1.02 2.13
CA ARG D 170 30.68 -0.77 3.24
C ARG D 170 30.00 0.03 4.34
N TYR D 171 29.31 1.10 3.96
CA TYR D 171 28.61 1.91 4.94
C TYR D 171 27.60 1.04 5.70
N LEU D 172 26.85 0.25 4.94
CA LEU D 172 25.87 -0.66 5.54
C LEU D 172 26.54 -1.66 6.47
N GLU D 173 27.77 -2.04 6.15
CA GLU D 173 28.50 -3.01 6.95
C GLU D 173 28.98 -2.38 8.26
N ASN D 174 29.37 -1.11 8.20
CA ASN D 174 29.85 -0.40 9.37
C ASN D 174 28.72 0.03 10.30
N GLY D 175 27.61 0.45 9.71
CA GLY D 175 26.45 0.87 10.49
C GLY D 175 25.30 -0.12 10.41
N LYS D 176 25.60 -1.39 10.59
CA LYS D 176 24.59 -2.45 10.50
C LYS D 176 23.53 -2.32 11.59
N GLU D 177 23.81 -1.51 12.60
CA GLU D 177 22.93 -1.38 13.74
C GLU D 177 21.85 -0.31 13.56
N THR D 178 22.23 0.82 12.98
CA THR D 178 21.29 1.93 12.80
C THR D 178 20.75 2.01 11.37
N LEU D 179 21.42 1.33 10.44
CA LEU D 179 21.02 1.36 9.05
C LEU D 179 20.18 0.15 8.66
N GLN D 180 20.52 -1.01 9.22
CA GLN D 180 19.78 -2.24 8.92
C GLN D 180 18.76 -2.55 10.00
N ARG D 181 18.31 -1.51 10.71
CA ARG D 181 17.30 -1.67 11.75
C ARG D 181 15.90 -1.51 11.18
N ALA D 182 14.92 -2.00 11.92
CA ALA D 182 13.52 -1.88 11.51
C ALA D 182 12.64 -1.54 12.71
N ASP D 183 13.01 -0.46 13.40
CA ASP D 183 12.29 -0.04 14.60
C ASP D 183 10.84 0.32 14.30
N PRO D 184 9.89 -0.45 14.86
CA PRO D 184 8.46 -0.21 14.68
C PRO D 184 8.02 1.05 15.41
N PRO D 185 6.95 1.70 14.92
CA PRO D 185 6.45 2.95 15.50
C PRO D 185 5.60 2.71 16.75
N LYS D 186 5.84 3.50 17.79
CA LYS D 186 4.96 3.50 18.96
C LYS D 186 3.71 4.29 18.63
N THR D 187 2.58 3.60 18.57
CA THR D 187 1.33 4.20 18.13
C THR D 187 0.28 4.27 19.24
N HIS D 188 -0.63 5.22 19.11
CA HIS D 188 -1.74 5.35 20.06
C HIS D 188 -2.81 6.28 19.49
N VAL D 189 -3.97 6.33 20.14
CA VAL D 189 -5.06 7.17 19.66
C VAL D 189 -5.51 8.18 20.70
N THR D 190 -5.57 9.44 20.30
CA THR D 190 -5.99 10.52 21.20
C THR D 190 -7.31 11.14 20.75
N HIS D 191 -8.01 11.76 21.71
CA HIS D 191 -9.34 12.30 21.49
C HIS D 191 -9.37 13.79 21.83
N HIS D 192 -9.82 14.62 20.90
CA HIS D 192 -9.84 16.06 21.10
C HIS D 192 -11.12 16.71 20.58
N PRO D 193 -12.08 16.93 21.47
CA PRO D 193 -13.37 17.52 21.11
C PRO D 193 -13.24 18.85 20.36
N VAL D 194 -13.97 18.98 19.26
CA VAL D 194 -13.99 20.23 18.51
C VAL D 194 -15.11 21.12 19.05
N SER D 195 -16.21 20.48 19.44
CA SER D 195 -17.34 21.18 20.04
C SER D 195 -18.06 20.24 21.00
N ASP D 196 -19.38 20.38 21.10
CA ASP D 196 -20.18 19.50 21.94
C ASP D 196 -20.90 18.45 21.10
N HIS D 197 -20.58 18.42 19.80
CA HIS D 197 -21.19 17.46 18.88
C HIS D 197 -20.17 16.71 18.04
N GLU D 198 -18.95 17.24 17.97
CA GLU D 198 -17.89 16.61 17.19
C GLU D 198 -16.59 16.50 18.00
N ALA D 199 -15.76 15.54 17.63
CA ALA D 199 -14.49 15.30 18.28
C ALA D 199 -13.47 14.70 17.32
N THR D 200 -12.23 15.12 17.44
CA THR D 200 -11.18 14.67 16.52
C THR D 200 -10.42 13.46 17.09
N LEU D 201 -10.37 12.40 16.30
CA LEU D 201 -9.57 11.22 16.66
C LEU D 201 -8.23 11.31 15.95
N ARG D 202 -7.15 11.31 16.72
CA ARG D 202 -5.82 11.43 16.15
C ARG D 202 -4.98 10.17 16.37
N CYS D 203 -4.42 9.63 15.29
CA CYS D 203 -3.61 8.43 15.36
C CYS D 203 -2.13 8.77 15.28
N TRP D 204 -1.42 8.47 16.36
CA TRP D 204 -0.01 8.79 16.49
C TRP D 204 0.89 7.58 16.25
N ALA D 205 1.86 7.76 15.35
CA ALA D 205 2.92 6.78 15.13
C ALA D 205 4.26 7.48 15.31
N LEU D 206 5.00 7.10 16.35
CA LEU D 206 6.21 7.82 16.73
C LEU D 206 7.46 6.95 16.73
N GLY D 207 8.62 7.60 16.66
CA GLY D 207 9.90 6.94 16.74
C GLY D 207 10.02 5.67 15.91
N PHE D 208 10.03 5.82 14.60
CA PHE D 208 10.17 4.68 13.70
C PHE D 208 11.17 4.93 12.58
N TYR D 209 11.67 3.85 12.00
CA TYR D 209 12.63 3.94 10.90
C TYR D 209 12.55 2.67 10.06
N PRO D 210 12.61 2.81 8.73
CA PRO D 210 12.76 4.08 8.00
C PRO D 210 11.49 4.94 8.01
N ALA D 211 11.47 5.98 7.20
CA ALA D 211 10.38 6.95 7.20
C ALA D 211 9.12 6.43 6.52
N GLU D 212 9.28 5.50 5.57
CA GLU D 212 8.15 4.94 4.85
C GLU D 212 7.13 4.31 5.81
N ILE D 213 5.89 4.77 5.72
CA ILE D 213 4.83 4.30 6.61
C ILE D 213 3.46 4.60 6.01
N THR D 214 2.42 3.92 6.51
CA THR D 214 1.08 4.16 6.03
C THR D 214 0.03 4.26 7.14
N LEU D 215 -0.73 5.34 7.13
CA LEU D 215 -1.79 5.55 8.11
C LEU D 215 -3.11 5.87 7.41
N THR D 216 -4.17 5.16 7.80
CA THR D 216 -5.49 5.38 7.21
C THR D 216 -6.59 5.26 8.26
N TRP D 217 -7.73 5.90 8.01
CA TRP D 217 -8.88 5.78 8.90
C TRP D 217 -10.02 5.03 8.23
N GLN D 218 -10.70 4.18 9.00
CA GLN D 218 -11.81 3.41 8.47
C GLN D 218 -13.04 3.43 9.37
N ARG D 219 -14.15 3.93 8.83
CA ARG D 219 -15.44 3.86 9.51
C ARG D 219 -16.09 2.52 9.19
N ASP D 220 -16.35 1.73 10.22
CA ASP D 220 -16.96 0.41 10.06
C ASP D 220 -16.10 -0.49 9.17
N GLY D 221 -14.79 -0.22 9.15
CA GLY D 221 -13.86 -1.02 8.36
C GLY D 221 -13.83 -0.59 6.90
N GLU D 222 -14.40 0.58 6.62
CA GLU D 222 -14.40 1.11 5.26
C GLU D 222 -13.59 2.40 5.16
N GLU D 223 -12.98 2.62 3.99
CA GLU D 223 -12.10 3.77 3.79
C GLU D 223 -12.76 5.10 4.16
N GLN D 224 -11.99 5.95 4.81
CA GLN D 224 -12.47 7.27 5.22
C GLN D 224 -11.54 8.38 4.76
N THR D 225 -12.01 9.18 3.80
CA THR D 225 -11.22 10.30 3.29
C THR D 225 -11.86 11.62 3.68
N GLN D 226 -13.19 11.64 3.72
CA GLN D 226 -13.94 12.83 4.11
C GLN D 226 -13.64 13.22 5.55
N ASP D 227 -13.45 14.51 5.79
CA ASP D 227 -13.13 15.02 7.12
C ASP D 227 -11.90 14.34 7.71
N THR D 228 -10.87 14.17 6.89
CA THR D 228 -9.64 13.53 7.32
C THR D 228 -8.43 14.41 7.03
N GLU D 229 -7.47 14.42 7.95
CA GLU D 229 -6.26 15.22 7.78
C GLU D 229 -5.00 14.40 8.06
N PHE D 230 -4.10 14.39 7.09
CA PHE D 230 -2.82 13.70 7.23
C PHE D 230 -1.66 14.68 7.08
N VAL D 231 -0.68 14.58 7.96
CA VAL D 231 0.48 15.45 7.91
C VAL D 231 1.71 14.73 7.33
N GLU D 232 2.62 15.51 6.76
CA GLU D 232 3.84 14.95 6.18
C GLU D 232 4.70 14.29 7.25
N THR D 233 5.31 13.16 6.90
CA THR D 233 6.22 12.48 7.80
C THR D 233 7.32 13.43 8.25
N ARG D 234 7.45 13.62 9.56
CA ARG D 234 8.39 14.57 10.12
C ARG D 234 9.48 13.88 10.93
N PRO D 235 10.71 14.43 10.87
CA PRO D 235 11.85 13.86 11.59
C PRO D 235 11.75 14.12 13.10
N GLY D 236 12.21 13.15 13.90
CA GLY D 236 12.19 13.30 15.34
C GLY D 236 13.36 14.11 15.86
N GLY D 237 14.38 14.28 15.01
CA GLY D 237 15.56 15.02 15.38
C GLY D 237 16.60 14.13 16.03
N ASP D 238 16.29 12.84 16.14
CA ASP D 238 17.19 11.88 16.77
C ASP D 238 17.46 10.70 15.83
N GLY D 239 16.95 10.78 14.61
CA GLY D 239 17.15 9.73 13.63
C GLY D 239 15.87 8.99 13.31
N THR D 240 14.83 9.26 14.08
CA THR D 240 13.54 8.61 13.87
C THR D 240 12.59 9.51 13.10
N PHE D 241 11.36 9.04 12.90
CA PHE D 241 10.34 9.80 12.18
C PHE D 241 9.00 9.78 12.90
N GLN D 242 8.15 10.74 12.57
CA GLN D 242 6.83 10.84 13.18
C GLN D 242 5.76 11.07 12.12
N LYS D 243 4.50 10.90 12.52
CA LYS D 243 3.36 11.08 11.62
C LYS D 243 2.06 10.73 12.35
N TRP D 244 1.06 11.59 12.21
CA TRP D 244 -0.27 11.30 12.77
C TRP D 244 -1.37 11.53 11.75
N GLY D 245 -2.48 10.82 11.91
CA GLY D 245 -3.62 10.97 11.03
C GLY D 245 -4.89 11.26 11.82
N ALA D 246 -5.52 12.40 11.57
CA ALA D 246 -6.70 12.80 12.32
C ALA D 246 -7.99 12.68 11.51
N VAL D 247 -9.11 12.47 12.20
CA VAL D 247 -10.42 12.43 11.56
C VAL D 247 -11.49 13.03 12.47
N VAL D 248 -12.34 13.87 11.89
CA VAL D 248 -13.43 14.50 12.64
C VAL D 248 -14.63 13.57 12.70
N VAL D 249 -15.05 13.22 13.92
CA VAL D 249 -16.11 12.25 14.13
C VAL D 249 -17.22 12.79 15.01
N PRO D 250 -18.48 12.51 14.63
CA PRO D 250 -19.64 12.86 15.46
C PRO D 250 -19.54 12.22 16.84
N SER D 251 -19.84 12.99 17.89
CA SER D 251 -19.77 12.48 19.25
C SER D 251 -20.69 11.29 19.45
N GLY D 252 -20.13 10.18 19.92
CA GLY D 252 -20.89 8.97 20.14
C GLY D 252 -20.67 7.93 19.05
N GLU D 253 -19.78 8.25 18.11
CA GLU D 253 -19.49 7.37 17.00
C GLU D 253 -18.01 6.99 16.97
N GLU D 254 -17.30 7.29 18.05
CA GLU D 254 -15.85 7.10 18.12
C GLU D 254 -15.45 5.63 18.07
N GLN D 255 -16.14 4.80 18.82
CA GLN D 255 -15.84 3.37 18.89
C GLN D 255 -16.15 2.66 17.59
N ARG D 256 -16.30 3.45 16.53
CA ARG D 256 -16.74 2.95 15.24
C ARG D 256 -15.70 3.26 14.18
N TYR D 257 -14.58 3.83 14.62
CA TYR D 257 -13.48 4.19 13.73
C TYR D 257 -12.20 3.42 14.08
N THR D 258 -11.56 2.87 13.05
CA THR D 258 -10.32 2.11 13.23
C THR D 258 -9.15 2.75 12.49
N CYS D 259 -8.02 2.83 13.18
CA CYS D 259 -6.79 3.36 12.58
C CYS D 259 -5.93 2.22 12.05
N HIS D 260 -5.43 2.37 10.83
CA HIS D 260 -4.63 1.33 10.20
C HIS D 260 -3.24 1.83 9.83
N VAL D 261 -2.23 1.16 10.33
CA VAL D 261 -0.85 1.59 10.10
C VAL D 261 0.02 0.44 9.63
N GLN D 262 0.84 0.69 8.62
CA GLN D 262 1.79 -0.30 8.12
CA GLN D 262 1.82 -0.32 8.26
C GLN D 262 3.20 0.27 8.08
N HIS D 263 4.19 -0.56 8.40
CA HIS D 263 5.57 -0.17 8.44
C HIS D 263 6.38 -1.46 8.50
N GLU D 264 7.41 -1.54 7.67
CA GLU D 264 8.19 -2.78 7.56
C GLU D 264 8.76 -3.24 8.91
N GLY D 265 8.67 -2.37 9.91
CA GLY D 265 9.15 -2.69 11.25
C GLY D 265 8.12 -3.44 12.07
N LEU D 266 6.90 -3.53 11.56
CA LEU D 266 5.82 -4.23 12.26
C LEU D 266 5.65 -5.65 11.74
N PRO D 267 5.71 -6.64 12.64
CA PRO D 267 5.54 -8.05 12.28
C PRO D 267 4.26 -8.26 11.47
N GLU D 268 3.20 -7.54 11.82
CA GLU D 268 1.95 -7.56 11.08
C GLU D 268 1.30 -6.18 11.06
N PRO D 269 0.32 -5.98 10.19
CA PRO D 269 -0.40 -4.70 10.16
C PRO D 269 -1.13 -4.44 11.48
N LEU D 270 -1.14 -3.19 11.90
CA LEU D 270 -1.76 -2.80 13.16
C LEU D 270 -3.16 -2.23 12.97
N THR D 271 -4.05 -2.52 13.92
CA THR D 271 -5.39 -1.97 13.93
C THR D 271 -5.67 -1.35 15.29
N LEU D 272 -5.85 -0.04 15.33
CA LEU D 272 -5.98 0.68 16.58
C LEU D 272 -7.38 1.28 16.78
N ARG D 273 -7.79 1.40 18.03
CA ARG D 273 -9.07 1.99 18.37
C ARG D 273 -8.86 2.90 19.58
N TRP D 274 -9.73 3.89 19.75
CA TRP D 274 -9.61 4.81 20.88
C TRP D 274 -9.69 4.05 22.20
N GLU D 275 -8.63 4.13 23.00
CA GLU D 275 -8.58 3.45 24.28
C GLU D 275 -8.55 4.45 25.42
N PRO D 276 -9.73 4.90 25.87
CA PRO D 276 -9.84 5.87 26.96
C PRO D 276 -9.25 5.33 28.26
N GLN E 2 7.99 29.93 -7.04
CA GLN E 2 8.29 29.86 -5.62
C GLN E 2 7.11 29.31 -4.82
N ARG E 3 7.41 28.40 -3.90
CA ARG E 3 6.37 27.71 -3.13
C ARG E 3 6.28 28.18 -1.68
N THR E 4 5.06 28.18 -1.15
CA THR E 4 4.82 28.54 0.25
C THR E 4 5.23 27.41 1.17
N PRO E 5 6.04 27.72 2.19
CA PRO E 5 6.55 26.73 3.14
C PRO E 5 5.48 26.20 4.09
N LYS E 6 5.47 24.89 4.30
CA LYS E 6 4.60 24.27 5.28
C LYS E 6 5.33 24.10 6.59
N ILE E 7 4.65 24.42 7.69
CA ILE E 7 5.28 24.45 9.01
C ILE E 7 4.66 23.45 9.98
N GLN E 8 5.50 22.69 10.67
CA GLN E 8 5.05 21.76 11.69
C GLN E 8 5.88 21.89 12.97
N VAL E 9 5.31 22.51 14.00
CA VAL E 9 5.96 22.59 15.30
C VAL E 9 5.47 21.45 16.17
N TYR E 10 6.41 20.70 16.75
CA TYR E 10 6.06 19.52 17.52
C TYR E 10 7.19 19.08 18.45
N SER E 11 6.88 18.24 19.42
CA SER E 11 7.88 17.74 20.35
C SER E 11 8.40 16.37 19.91
N ARG E 12 9.67 16.10 20.22
CA ARG E 12 10.29 14.82 19.87
C ARG E 12 9.54 13.65 20.53
N HIS E 13 9.26 13.79 21.82
CA HIS E 13 8.53 12.78 22.56
C HIS E 13 7.20 13.34 23.06
N PRO E 14 6.23 12.45 23.36
CA PRO E 14 4.97 12.89 23.95
C PRO E 14 5.22 13.77 25.18
N PRO E 15 4.66 14.99 25.17
CA PRO E 15 4.95 16.01 26.18
C PRO E 15 4.43 15.67 27.57
N GLU E 16 5.25 15.96 28.58
CA GLU E 16 4.85 15.84 29.99
C GLU E 16 5.38 17.04 30.76
N ASN E 17 4.49 17.76 31.43
CA ASN E 17 4.86 18.96 32.17
C ASN E 17 5.96 18.70 33.19
N GLY E 18 7.11 19.34 32.99
CA GLY E 18 8.24 19.21 33.90
C GLY E 18 9.26 18.20 33.42
N LYS E 19 9.02 17.63 32.25
CA LYS E 19 9.92 16.62 31.68
C LYS E 19 10.70 17.18 30.50
N PRO E 20 12.04 17.09 30.57
CA PRO E 20 12.92 17.55 29.49
C PRO E 20 12.54 16.95 28.15
N ASN E 21 12.49 17.78 27.11
CA ASN E 21 12.10 17.33 25.78
C ASN E 21 12.79 18.16 24.70
N PHE E 22 12.44 17.89 23.45
CA PHE E 22 13.06 18.59 22.32
C PHE E 22 12.02 19.25 21.43
N LEU E 23 12.11 20.57 21.29
CA LEU E 23 11.21 21.32 20.44
C LEU E 23 11.70 21.32 18.98
N ASN E 24 10.82 20.95 18.08
CA ASN E 24 11.15 20.86 16.66
C ASN E 24 10.23 21.71 15.78
N CYS E 25 10.81 22.35 14.78
CA CYS E 25 10.06 23.09 13.79
C CYS E 25 10.48 22.63 12.40
N TYR E 26 9.58 21.91 11.74
CA TYR E 26 9.85 21.33 10.43
C TYR E 26 9.19 22.16 9.33
N VAL E 27 10.02 22.83 8.53
CA VAL E 27 9.53 23.67 7.45
C VAL E 27 9.91 23.06 6.11
N SER E 28 8.90 22.69 5.32
CA SER E 28 9.14 22.00 4.05
C SER E 28 8.39 22.61 2.88
N GLY E 29 8.51 21.96 1.72
CA GLY E 29 7.78 22.37 0.53
C GLY E 29 7.92 23.82 0.15
N PHE E 30 9.11 24.39 0.36
CA PHE E 30 9.35 25.79 0.02
C PHE E 30 10.46 25.96 -1.00
N HIS E 31 10.40 27.06 -1.74
CA HIS E 31 11.38 27.37 -2.78
C HIS E 31 11.26 28.84 -3.12
N PRO E 32 12.39 29.55 -3.24
CA PRO E 32 13.75 29.04 -3.09
C PRO E 32 14.10 28.69 -1.66
N SER E 33 15.31 28.17 -1.44
CA SER E 33 15.74 27.72 -0.13
C SER E 33 16.08 28.88 0.80
N ASP E 34 15.82 30.10 0.35
CA ASP E 34 16.07 31.28 1.18
C ASP E 34 14.93 31.48 2.17
N ILE E 35 15.22 31.32 3.45
CA ILE E 35 14.18 31.37 4.47
C ILE E 35 14.77 31.63 5.85
N GLU E 36 13.95 32.16 6.76
CA GLU E 36 14.38 32.36 8.14
C GLU E 36 13.43 31.71 9.13
N VAL E 37 13.98 30.95 10.07
CA VAL E 37 13.17 30.25 11.06
C VAL E 37 13.61 30.58 12.49
N ASP E 38 12.66 30.85 13.36
CA ASP E 38 12.95 31.15 14.76
C ASP E 38 12.04 30.35 15.70
N LEU E 39 12.63 29.83 16.76
CA LEU E 39 11.86 29.18 17.81
C LEU E 39 11.63 30.17 18.96
N LEU E 40 10.37 30.36 19.33
CA LEU E 40 10.01 31.40 20.28
C LEU E 40 9.39 30.83 21.55
N LYS E 41 9.74 31.42 22.69
CA LYS E 41 9.11 31.09 23.96
C LYS E 41 8.50 32.35 24.56
N ASN E 42 7.16 32.40 24.56
CA ASN E 42 6.45 33.56 25.08
C ASN E 42 6.70 34.82 24.25
N GLY E 43 6.93 34.65 22.96
CA GLY E 43 7.10 35.77 22.05
C GLY E 43 8.54 36.14 21.78
N GLU E 44 9.41 35.88 22.75
CA GLU E 44 10.83 36.22 22.60
C GLU E 44 11.61 35.06 22.02
N LYS E 45 12.66 35.38 21.25
CA LYS E 45 13.49 34.37 20.63
C LYS E 45 14.10 33.44 21.68
N MET E 46 14.44 32.22 21.26
CA MET E 46 14.94 31.22 22.18
C MET E 46 16.47 31.20 22.22
N GLY E 47 17.02 30.95 23.39
CA GLY E 47 18.46 31.05 23.61
C GLY E 47 19.35 30.32 22.63
N LYS E 48 19.12 29.03 22.46
CA LYS E 48 20.01 28.19 21.66
C LYS E 48 19.25 27.38 20.61
N VAL E 49 19.13 27.94 19.41
CA VAL E 49 18.41 27.27 18.33
C VAL E 49 19.34 26.91 17.17
N GLU E 50 19.32 25.64 16.77
CA GLU E 50 20.15 25.17 15.67
C GLU E 50 19.28 24.49 14.62
N HIS E 51 19.84 24.27 13.43
CA HIS E 51 19.09 23.66 12.34
C HIS E 51 19.91 22.61 11.59
N SER E 52 19.22 21.79 10.81
CA SER E 52 19.87 20.75 10.02
C SER E 52 20.39 21.30 8.70
N ASP E 53 21.10 20.46 7.96
CA ASP E 53 21.67 20.87 6.68
C ASP E 53 20.61 20.91 5.58
N LEU E 54 20.62 21.99 4.80
CA LEU E 54 19.64 22.19 3.74
C LEU E 54 19.56 21.00 2.79
N SER E 55 18.34 20.52 2.56
CA SER E 55 18.11 19.42 1.63
C SER E 55 16.77 19.59 0.95
N PHE E 56 16.45 18.70 0.01
CA PHE E 56 15.20 18.78 -0.73
C PHE E 56 14.62 17.41 -1.03
N SER E 57 13.35 17.39 -1.43
CA SER E 57 12.66 16.13 -1.74
C SER E 57 12.56 15.92 -3.25
N LYS E 58 11.81 14.88 -3.63
CA LYS E 58 11.69 14.48 -5.04
C LYS E 58 11.18 15.60 -5.95
N ASP E 59 10.32 16.46 -5.42
CA ASP E 59 9.75 17.55 -6.21
C ASP E 59 10.58 18.82 -6.09
N TRP E 60 11.80 18.67 -5.58
CA TRP E 60 12.77 19.77 -5.54
C TRP E 60 12.51 20.78 -4.42
N SER E 61 11.37 20.65 -3.74
CA SER E 61 11.04 21.54 -2.64
C SER E 61 11.98 21.27 -1.47
N PHE E 62 12.45 22.33 -0.82
CA PHE E 62 13.40 22.20 0.27
C PHE E 62 12.71 21.89 1.60
N TYR E 63 13.46 21.28 2.52
CA TYR E 63 12.96 21.01 3.86
C TYR E 63 14.05 21.20 4.90
N LEU E 64 13.71 21.87 5.99
CA LEU E 64 14.66 22.14 7.07
C LEU E 64 14.06 21.83 8.43
N LEU E 65 14.93 21.54 9.40
CA LEU E 65 14.50 21.23 10.76
C LEU E 65 15.21 22.12 11.78
N TYR E 66 14.47 23.03 12.39
CA TYR E 66 15.03 23.90 13.43
C TYR E 66 14.62 23.42 14.81
N TYR E 67 15.59 22.96 15.59
CA TYR E 67 15.30 22.31 16.86
C TYR E 67 16.06 22.92 18.04
N THR E 68 15.55 22.64 19.24
CA THR E 68 16.20 23.09 20.47
C THR E 68 15.73 22.21 21.63
N GLU E 69 16.28 22.45 22.82
CA GLU E 69 15.83 21.74 24.01
C GLU E 69 14.79 22.56 24.76
N PHE E 70 13.75 21.91 25.24
CA PHE E 70 12.67 22.62 25.93
C PHE E 70 11.93 21.73 26.91
N THR E 71 11.49 22.32 28.03
CA THR E 71 10.71 21.58 29.03
C THR E 71 9.31 22.18 29.14
N PRO E 72 8.30 21.42 28.69
CA PRO E 72 6.91 21.86 28.60
C PRO E 72 6.27 22.16 29.96
N ASN E 73 5.35 23.12 29.97
CA ASN E 73 4.55 23.43 31.14
C ASN E 73 3.26 24.16 30.75
N GLU E 74 2.33 24.27 31.69
CA GLU E 74 1.01 24.83 31.39
C GLU E 74 1.01 26.35 31.27
N LYS E 75 2.05 27.00 31.76
CA LYS E 75 2.11 28.45 31.76
C LYS E 75 2.75 29.03 30.50
N ASP E 76 3.83 28.41 30.05
CA ASP E 76 4.61 28.93 28.92
C ASP E 76 4.05 28.53 27.56
N GLU E 77 4.30 29.38 26.57
CA GLU E 77 3.88 29.12 25.20
C GLU E 77 5.11 29.02 24.28
N TYR E 78 5.12 28.01 23.44
CA TYR E 78 6.20 27.85 22.47
C TYR E 78 5.63 27.96 21.05
N ALA E 79 6.39 28.58 20.15
CA ALA E 79 5.91 28.79 18.79
C ALA E 79 7.06 28.82 17.79
N CYS E 80 6.71 28.86 16.50
CA CYS E 80 7.70 28.91 15.44
C CYS E 80 7.37 30.03 14.45
N ARG E 81 8.33 30.92 14.21
CA ARG E 81 8.13 32.03 13.30
C ARG E 81 8.95 31.84 12.03
N VAL E 82 8.32 32.06 10.89
CA VAL E 82 8.97 31.82 9.60
C VAL E 82 8.84 33.00 8.64
N ASN E 83 9.98 33.46 8.13
CA ASN E 83 9.99 34.50 7.11
C ASN E 83 10.45 33.95 5.76
N HIS E 84 9.64 34.17 4.74
CA HIS E 84 9.93 33.69 3.40
C HIS E 84 9.37 34.67 2.37
N VAL E 85 9.94 34.66 1.16
CA VAL E 85 9.52 35.58 0.11
C VAL E 85 8.05 35.43 -0.24
N THR E 86 7.54 34.20 -0.15
CA THR E 86 6.15 33.92 -0.49
C THR E 86 5.20 34.32 0.62
N LEU E 87 5.75 34.61 1.80
CA LEU E 87 4.96 34.98 2.96
C LEU E 87 4.83 36.49 3.11
N SER E 88 3.60 36.98 3.18
CA SER E 88 3.36 38.40 3.44
C SER E 88 3.55 38.69 4.91
N GLY E 89 4.80 38.88 5.31
CA GLY E 89 5.14 39.06 6.71
C GLY E 89 5.45 37.71 7.34
N PRO E 90 5.96 37.74 8.59
CA PRO E 90 6.31 36.50 9.29
C PRO E 90 5.08 35.69 9.69
N ARG E 91 5.15 34.38 9.53
CA ARG E 91 4.08 33.49 9.94
C ARG E 91 4.45 32.80 11.25
N THR E 92 3.53 32.84 12.21
CA THR E 92 3.78 32.25 13.52
C THR E 92 2.83 31.10 13.82
N VAL E 93 3.37 29.92 14.07
CA VAL E 93 2.59 28.75 14.42
C VAL E 93 2.87 28.31 15.85
N LYS E 94 1.86 28.40 16.71
CA LYS E 94 2.00 28.00 18.11
C LYS E 94 2.10 26.48 18.24
N TRP E 95 2.90 26.04 19.20
CA TRP E 95 3.04 24.61 19.47
C TRP E 95 1.82 24.08 20.22
N ASP E 96 1.13 23.13 19.59
CA ASP E 96 -0.04 22.52 20.20
C ASP E 96 0.27 21.09 20.63
N ARG E 97 0.17 20.83 21.93
CA ARG E 97 0.51 19.52 22.47
C ARG E 97 -0.44 18.42 21.98
N ASP E 98 -1.45 18.82 21.21
CA ASP E 98 -2.38 17.87 20.62
C ASP E 98 -2.00 17.55 19.19
N MET E 99 -1.06 18.30 18.65
CA MET E 99 -0.61 18.12 17.26
C MET E 99 0.89 17.86 17.19
N MET F 1 30.56 7.45 -1.11
CA MET F 1 31.49 8.15 -1.99
C MET F 1 30.74 8.94 -3.06
N ARG F 2 31.13 10.19 -3.26
CA ARG F 2 30.46 11.07 -4.20
C ARG F 2 30.78 10.71 -5.66
N HIS F 3 29.90 11.14 -6.56
CA HIS F 3 30.12 10.96 -7.99
C HIS F 3 30.74 12.22 -8.58
N VAL F 4 31.77 12.03 -9.40
CA VAL F 4 32.43 13.15 -10.05
C VAL F 4 31.51 13.81 -11.07
N LEU F 5 31.03 15.00 -10.75
CA LEU F 5 30.07 15.71 -11.60
C LEU F 5 30.68 16.19 -12.90
N GLU F 6 29.83 16.58 -13.83
CA GLU F 6 30.26 17.14 -15.11
C GLU F 6 29.33 18.28 -15.53
N PRO F 7 29.90 19.39 -16.01
CA PRO F 7 29.20 20.64 -16.30
C PRO F 7 27.99 20.50 -17.24
N PHE F 8 27.09 21.47 -17.18
CA PHE F 8 25.95 21.52 -18.09
C PHE F 8 26.41 21.78 -19.52
#